data_5UQF
#
_entry.id   5UQF
#
_cell.length_a   118.526
_cell.length_b   118.526
_cell.length_c   451.298
_cell.angle_alpha   90.00
_cell.angle_beta   90.00
_cell.angle_gamma   90.00
#
_symmetry.space_group_name_H-M   'I 4 2 2'
#
loop_
_entity.id
_entity.type
_entity.pdbx_description
1 polymer "Inosine-5'-monophosphate dehydrogenase"
2 non-polymer 'INOSINIC ACID'
3 non-polymer '{2-chloro-5-[({2-[3-(prop-1-en-2-yl)phenyl]propan-2-yl}carbamoyl)amino]phenoxy}acetic acid'
4 non-polymer 'POTASSIUM ION'
5 non-polymer 'SULFATE ION'
6 non-polymer 1,2-ETHANEDIOL
7 non-polymer GLYCEROL
8 non-polymer 'CHLORIDE ION'
9 water water
#
_entity_poly.entity_id   1
_entity_poly.type   'polypeptide(L)'
_entity_poly.pdbx_seq_one_letter_code
;MHHHHHHSSGVDLGTENLYFQSNAMKIVKRALTFEDVLLRPGYSEVLPKEVKIHTKLTKNITLNMPLISAAMDTVTEHRA
AIMMARLGGLGVIHKNMDIASQVREVKRVKKSESGGIKDLKKRKEYPDANKDNFGRLRVGAAIGVGQMDRVDALVEAGVD
VVVLDSAHGHSKGIIDTVKAIKAKYPNLDLIAGNIATAAAAKALCEAGVDAVKVGIGPGSICTTRIVSGVGVPQISAIDE
CVEEANKFGVPVIADGGIKYSGDIAKALAVGASSVMIGSLLAGTDESPGELFTYQGRQYKSYRGMGSLGAMQKGSSDRYF
QQGTAQDKLVPEGIEGRVPYVGSIRSVVHQLLGGLRSSMGYVGAKDIEDFQKRAEFVEITTAGLKESHVHDVTITHEAPN
YKVNHQ
;
_entity_poly.pdbx_strand_id   A,B,C
#
loop_
_chem_comp.id
_chem_comp.type
_chem_comp.name
_chem_comp.formula
8KY non-polymer '{2-chloro-5-[({2-[3-(prop-1-en-2-yl)phenyl]propan-2-yl}carbamoyl)amino]phenoxy}acetic acid' 'C21 H23 Cl N2 O4'
CL non-polymer 'CHLORIDE ION' 'Cl -1'
EDO non-polymer 1,2-ETHANEDIOL 'C2 H6 O2'
GOL non-polymer GLYCEROL 'C3 H8 O3'
IMP non-polymer 'INOSINIC ACID' 'C10 H13 N4 O8 P'
K non-polymer 'POTASSIUM ION' 'K 1'
SO4 non-polymer 'SULFATE ION' 'O4 S -2'
#
# COMPACT_ATOMS: atom_id res chain seq x y z
N ALA A 24 -40.37 -39.38 -26.76
CA ALA A 24 -39.29 -39.85 -27.65
C ALA A 24 -38.32 -38.72 -28.01
N MET A 25 -38.85 -37.67 -28.63
CA MET A 25 -38.09 -36.48 -28.99
C MET A 25 -37.47 -35.84 -27.75
N LYS A 26 -36.21 -35.40 -27.87
CA LYS A 26 -35.47 -34.74 -26.79
C LYS A 26 -35.39 -33.25 -27.08
N ILE A 27 -36.07 -32.42 -26.28
CA ILE A 27 -36.07 -30.97 -26.44
C ILE A 27 -35.28 -30.37 -25.29
N VAL A 28 -34.17 -29.70 -25.61
CA VAL A 28 -33.23 -29.30 -24.56
C VAL A 28 -33.53 -27.93 -23.97
N LYS A 29 -34.22 -27.05 -24.69
CA LYS A 29 -34.30 -25.65 -24.30
C LYS A 29 -35.41 -24.94 -25.09
N ARG A 30 -36.09 -23.99 -24.45
CA ARG A 30 -36.84 -22.97 -25.17
C ARG A 30 -35.87 -21.82 -25.46
N ALA A 31 -35.73 -21.45 -26.73
CA ALA A 31 -34.65 -20.56 -27.17
C ALA A 31 -35.22 -19.24 -27.68
N LEU A 32 -34.65 -18.13 -27.25
CA LEU A 32 -35.14 -16.83 -27.69
C LEU A 32 -34.17 -16.00 -28.51
N THR A 33 -34.69 -15.30 -29.51
CA THR A 33 -33.91 -14.41 -30.35
C THR A 33 -33.96 -12.97 -29.83
N PHE A 34 -33.44 -12.03 -30.59
CA PHE A 34 -33.38 -10.62 -30.18
C PHE A 34 -34.69 -9.93 -29.86
N GLU A 35 -35.71 -10.17 -30.66
CA GLU A 35 -36.99 -9.51 -30.48
C GLU A 35 -37.82 -10.12 -29.36
N ASP A 36 -37.25 -11.04 -28.59
CA ASP A 36 -37.92 -11.62 -27.42
C ASP A 36 -37.50 -10.95 -26.12
N VAL A 37 -36.45 -10.12 -26.12
CA VAL A 37 -35.92 -9.54 -24.89
C VAL A 37 -35.79 -8.02 -25.01
N LEU A 38 -35.74 -7.38 -23.85
CA LEU A 38 -35.35 -5.98 -23.76
C LEU A 38 -34.39 -5.84 -22.59
N LEU A 39 -33.49 -4.87 -22.72
CA LEU A 39 -32.62 -4.47 -21.63
C LEU A 39 -33.39 -3.62 -20.64
N ARG A 40 -33.30 -3.95 -19.37
CA ARG A 40 -33.83 -3.10 -18.29
C ARG A 40 -32.92 -1.92 -18.01
N PRO A 41 -33.44 -0.70 -17.92
CA PRO A 41 -32.60 0.43 -17.48
C PRO A 41 -32.13 0.25 -16.04
N GLY A 42 -30.96 0.82 -15.76
CA GLY A 42 -30.45 0.86 -14.41
C GLY A 42 -29.93 2.25 -14.07
N TYR A 43 -29.58 2.44 -12.80
CA TYR A 43 -28.99 3.71 -12.37
C TYR A 43 -27.78 4.05 -13.24
N SER A 44 -27.66 5.32 -13.59
CA SER A 44 -26.69 5.74 -14.59
C SER A 44 -26.07 7.06 -14.22
N GLU A 45 -24.74 7.10 -14.20
CA GLU A 45 -24.00 8.36 -14.13
C GLU A 45 -23.21 8.63 -15.41
N VAL A 46 -23.46 7.84 -16.46
CA VAL A 46 -22.80 8.00 -17.76
C VAL A 46 -23.72 8.77 -18.69
N LEU A 47 -23.13 9.47 -19.62
CA LEU A 47 -23.88 10.00 -20.74
C LEU A 47 -23.49 9.26 -22.01
N PRO A 48 -24.45 9.06 -22.92
CA PRO A 48 -24.15 8.36 -24.19
C PRO A 48 -22.88 8.83 -24.90
N LYS A 49 -22.56 10.12 -24.83
CA LYS A 49 -21.39 10.63 -25.51
C LYS A 49 -20.08 10.28 -24.79
N GLU A 50 -20.15 9.90 -23.50
CA GLU A 50 -18.97 9.66 -22.68
C GLU A 50 -18.53 8.19 -22.61
N VAL A 51 -19.37 7.24 -23.02
CA VAL A 51 -19.02 5.83 -22.86
C VAL A 51 -17.90 5.47 -23.83
N LYS A 52 -17.14 4.42 -23.46
CA LYS A 52 -16.08 3.85 -24.29
C LYS A 52 -16.59 2.56 -24.92
N ILE A 53 -16.42 2.42 -26.24
CA ILE A 53 -16.95 1.25 -26.95
C ILE A 53 -15.84 0.39 -27.56
N HIS A 54 -14.59 0.66 -27.21
CA HIS A 54 -13.51 -0.27 -27.56
C HIS A 54 -13.81 -1.66 -26.99
N THR A 55 -13.39 -2.67 -27.73
CA THR A 55 -13.65 -4.06 -27.38
C THR A 55 -12.53 -4.91 -27.95
N LYS A 56 -12.69 -6.23 -27.89
CA LYS A 56 -11.65 -7.13 -28.40
C LYS A 56 -12.13 -8.04 -29.52
N LEU A 57 -11.50 -7.94 -30.68
CA LEU A 57 -11.84 -8.80 -31.81
C LEU A 57 -11.46 -10.27 -31.62
N THR A 58 -10.24 -10.48 -31.17
CA THR A 58 -9.65 -11.79 -30.93
C THR A 58 -8.88 -11.60 -29.66
N LYS A 59 -8.40 -12.68 -29.07
CA LYS A 59 -7.70 -12.50 -27.80
C LYS A 59 -6.41 -11.68 -27.93
N ASN A 60 -5.96 -11.34 -29.14
CA ASN A 60 -4.76 -10.52 -29.30
C ASN A 60 -4.99 -9.24 -30.10
N ILE A 61 -6.18 -9.03 -30.65
CA ILE A 61 -6.48 -7.87 -31.48
C ILE A 61 -7.71 -7.19 -30.89
N THR A 62 -7.63 -5.88 -30.69
CA THR A 62 -8.74 -5.09 -30.19
C THR A 62 -9.32 -4.21 -31.28
N LEU A 63 -10.58 -3.83 -31.08
CA LEU A 63 -11.29 -2.90 -31.94
C LEU A 63 -11.59 -1.62 -31.15
N ASN A 64 -11.58 -0.48 -31.86
CA ASN A 64 -11.99 0.76 -31.23
C ASN A 64 -13.52 0.90 -31.18
N MET A 65 -14.21 0.13 -32.02
CA MET A 65 -15.65 0.03 -32.18
C MET A 65 -15.95 -1.44 -32.43
N PRO A 66 -17.10 -1.95 -31.99
CA PRO A 66 -17.33 -3.41 -32.10
C PRO A 66 -17.94 -3.95 -33.38
N LEU A 67 -17.79 -3.30 -34.54
CA LEU A 67 -18.46 -3.77 -35.75
C LEU A 67 -17.47 -4.36 -36.74
N ILE A 68 -17.90 -5.44 -37.39
CA ILE A 68 -17.17 -6.11 -38.46
C ILE A 68 -18.10 -6.32 -39.63
N SER A 69 -17.72 -5.82 -40.81
CA SER A 69 -18.51 -6.10 -42.00
C SER A 69 -18.29 -7.51 -42.48
N ALA A 70 -19.36 -8.10 -43.02
CA ALA A 70 -19.35 -9.53 -43.26
C ALA A 70 -18.63 -9.90 -44.54
N ALA A 71 -18.18 -11.17 -44.59
CA ALA A 71 -17.24 -11.65 -45.60
C ALA A 71 -17.98 -12.10 -46.86
N MET A 72 -18.59 -11.14 -47.52
CA MET A 72 -19.62 -11.39 -48.50
C MET A 72 -19.38 -10.54 -49.74
N ASP A 73 -19.50 -11.19 -50.91
CA ASP A 73 -19.08 -10.54 -52.13
C ASP A 73 -20.00 -9.42 -52.56
N THR A 74 -21.01 -9.09 -51.76
CA THR A 74 -21.80 -7.89 -51.98
C THR A 74 -21.72 -6.93 -50.80
N VAL A 75 -20.79 -7.15 -49.87
CA VAL A 75 -20.63 -6.26 -48.72
C VAL A 75 -19.20 -5.73 -48.61
N THR A 76 -18.24 -6.63 -48.46
CA THR A 76 -16.86 -6.23 -48.24
C THR A 76 -15.79 -6.57 -49.27
N GLU A 77 -15.07 -5.53 -49.64
CA GLU A 77 -13.98 -5.57 -50.57
C GLU A 77 -13.10 -4.47 -50.01
N HIS A 78 -12.06 -4.04 -50.71
CA HIS A 78 -11.16 -3.05 -50.12
C HIS A 78 -11.75 -1.70 -49.70
N ARG A 79 -12.69 -1.14 -50.44
CA ARG A 79 -13.24 0.17 -50.05
C ARG A 79 -14.05 0.06 -48.76
N ALA A 80 -14.85 -0.99 -48.62
CA ALA A 80 -15.60 -1.19 -47.37
C ALA A 80 -14.65 -1.50 -46.21
N ALA A 81 -13.62 -2.32 -46.46
CA ALA A 81 -12.70 -2.67 -45.39
C ALA A 81 -11.89 -1.47 -44.94
N ILE A 82 -11.57 -0.56 -45.87
CA ILE A 82 -10.84 0.65 -45.49
C ILE A 82 -11.66 1.49 -44.54
N MET A 83 -12.94 1.67 -44.84
CA MET A 83 -13.79 2.53 -44.02
C MET A 83 -14.06 1.90 -42.66
N MET A 84 -14.28 0.60 -42.62
CA MET A 84 -14.53 -0.05 -41.33
C MET A 84 -13.37 0.16 -40.37
N ALA A 85 -12.15 -0.01 -40.87
CA ALA A 85 -10.95 0.14 -40.05
C ALA A 85 -10.70 1.61 -39.72
N ARG A 86 -10.84 2.49 -40.71
CA ARG A 86 -10.74 3.92 -40.43
C ARG A 86 -11.69 4.33 -39.31
N LEU A 87 -12.87 3.71 -39.26
CA LEU A 87 -13.86 4.07 -38.26
C LEU A 87 -13.67 3.33 -36.94
N GLY A 88 -12.81 2.33 -36.90
CA GLY A 88 -12.49 1.66 -35.66
C GLY A 88 -12.77 0.16 -35.66
N GLY A 89 -13.34 -0.39 -36.72
CA GLY A 89 -13.65 -1.80 -36.69
C GLY A 89 -12.79 -2.62 -37.63
N LEU A 90 -13.46 -3.46 -38.42
CA LEU A 90 -12.76 -4.35 -39.33
C LEU A 90 -13.70 -4.70 -40.46
N GLY A 91 -13.12 -4.94 -41.63
CA GLY A 91 -13.83 -5.58 -42.73
C GLY A 91 -13.12 -6.86 -43.08
N VAL A 92 -13.89 -7.91 -43.41
CA VAL A 92 -13.33 -9.19 -43.83
C VAL A 92 -13.56 -9.35 -45.34
N ILE A 93 -12.45 -9.42 -46.08
CA ILE A 93 -12.49 -9.63 -47.52
C ILE A 93 -13.00 -11.04 -47.83
N HIS A 94 -14.12 -11.12 -48.56
CA HIS A 94 -14.70 -12.41 -48.93
C HIS A 94 -13.73 -13.22 -49.80
N LYS A 95 -13.98 -14.52 -49.86
CA LYS A 95 -13.12 -15.43 -50.60
C LYS A 95 -13.66 -15.88 -51.96
N ASN A 96 -14.72 -15.26 -52.45
CA ASN A 96 -15.24 -15.64 -53.74
C ASN A 96 -14.44 -14.96 -54.83
N MET A 97 -13.14 -15.24 -54.82
CA MET A 97 -12.23 -14.69 -55.81
C MET A 97 -10.95 -15.51 -55.82
N ASP A 98 -10.15 -15.36 -56.87
CA ASP A 98 -8.90 -16.09 -56.96
C ASP A 98 -7.92 -15.56 -55.92
N ILE A 99 -7.01 -16.40 -55.48
CA ILE A 99 -6.05 -16.01 -54.44
C ILE A 99 -5.39 -14.68 -54.79
N ALA A 100 -4.95 -14.52 -56.04
CA ALA A 100 -4.23 -13.31 -56.42
C ALA A 100 -5.07 -12.06 -56.17
N SER A 101 -6.36 -12.09 -56.52
CA SER A 101 -7.20 -10.91 -56.33
C SER A 101 -7.41 -10.62 -54.84
N GLN A 102 -7.56 -11.67 -54.02
CA GLN A 102 -7.78 -11.45 -52.60
C GLN A 102 -6.53 -10.88 -51.94
N VAL A 103 -5.36 -11.40 -52.33
CA VAL A 103 -4.11 -10.79 -51.90
C VAL A 103 -4.07 -9.32 -52.29
N ARG A 104 -4.45 -9.01 -53.54
CA ARG A 104 -4.43 -7.62 -53.96
C ARG A 104 -5.38 -6.77 -53.10
N GLU A 105 -6.59 -7.26 -52.85
CA GLU A 105 -7.51 -6.49 -52.02
C GLU A 105 -6.94 -6.26 -50.63
N VAL A 106 -6.29 -7.27 -50.05
CA VAL A 106 -5.66 -7.08 -48.74
C VAL A 106 -4.60 -6.00 -48.80
N LYS A 107 -3.74 -6.07 -49.84
CA LYS A 107 -2.63 -5.12 -49.93
C LYS A 107 -3.12 -3.68 -50.09
N ARG A 108 -4.29 -3.47 -50.69
CA ARG A 108 -4.81 -2.11 -50.82
C ARG A 108 -5.34 -1.56 -49.51
N VAL A 109 -5.90 -2.42 -48.65
CA VAL A 109 -6.32 -1.93 -47.34
C VAL A 109 -5.11 -1.52 -46.53
N LYS A 110 -4.03 -2.30 -46.62
CA LYS A 110 -2.89 -2.10 -45.75
C LYS A 110 -1.95 -1.00 -46.21
N LYS A 111 -2.08 -0.53 -47.45
CA LYS A 111 -1.28 0.59 -47.93
C LYS A 111 -2.10 1.88 -48.06
N SER A 112 -3.29 1.93 -47.46
CA SER A 112 -4.10 3.12 -47.43
C SER A 112 -3.76 4.02 -46.23
N LYS A 124 -5.54 11.87 -37.77
CA LYS A 124 -6.14 12.38 -38.99
C LYS A 124 -7.58 12.91 -38.78
N GLU A 125 -8.37 12.71 -39.84
CA GLU A 125 -9.82 12.84 -39.82
C GLU A 125 -10.48 11.60 -39.27
N TYR A 126 -9.71 10.53 -39.10
CA TYR A 126 -10.17 9.26 -38.54
C TYR A 126 -9.35 8.98 -37.29
N PRO A 127 -9.68 9.64 -36.18
CA PRO A 127 -8.86 9.50 -34.96
C PRO A 127 -8.90 8.11 -34.36
N ASP A 128 -10.01 7.38 -34.55
CA ASP A 128 -10.25 6.09 -33.93
C ASP A 128 -9.87 4.94 -34.83
N ALA A 129 -9.00 5.18 -35.82
CA ALA A 129 -8.71 4.17 -36.81
C ALA A 129 -8.00 2.96 -36.19
N ASN A 130 -8.32 1.79 -36.71
CA ASN A 130 -7.76 0.54 -36.22
C ASN A 130 -6.54 0.20 -37.05
N LYS A 131 -5.38 0.26 -36.41
CA LYS A 131 -4.14 0.01 -37.12
C LYS A 131 -3.27 -1.00 -36.42
N ASP A 132 -2.40 -1.62 -37.19
CA ASP A 132 -1.49 -2.60 -36.67
C ASP A 132 -0.32 -1.83 -36.06
N ASN A 133 0.71 -2.56 -35.67
CA ASN A 133 1.86 -1.94 -35.04
C ASN A 133 2.61 -0.93 -35.91
N PHE A 134 2.48 -1.05 -37.23
CA PHE A 134 3.23 -0.15 -38.11
C PHE A 134 2.42 1.04 -38.61
N GLY A 135 1.17 1.19 -38.16
CA GLY A 135 0.33 2.28 -38.62
C GLY A 135 -0.56 1.95 -39.81
N ARG A 136 -0.50 0.73 -40.32
CA ARG A 136 -1.35 0.33 -41.44
C ARG A 136 -2.70 -0.12 -40.90
N LEU A 137 -3.75 0.12 -41.70
CA LEU A 137 -5.09 -0.31 -41.30
C LEU A 137 -5.15 -1.83 -41.20
N ARG A 138 -5.93 -2.32 -40.24
CA ARG A 138 -6.14 -3.74 -40.07
C ARG A 138 -7.17 -4.27 -41.07
N VAL A 139 -7.01 -5.53 -41.48
CA VAL A 139 -7.92 -6.14 -42.42
C VAL A 139 -7.94 -7.65 -42.18
N GLY A 140 -9.12 -8.25 -42.36
CA GLY A 140 -9.27 -9.70 -42.28
C GLY A 140 -9.67 -10.26 -43.61
N ALA A 141 -9.42 -11.56 -43.84
CA ALA A 141 -9.87 -12.22 -45.06
C ALA A 141 -10.46 -13.59 -44.73
N ALA A 142 -11.34 -14.07 -45.60
CA ALA A 142 -11.96 -15.36 -45.36
C ALA A 142 -11.17 -16.46 -46.06
N ILE A 143 -11.18 -17.64 -45.44
CA ILE A 143 -10.63 -18.85 -46.03
C ILE A 143 -11.65 -19.96 -45.88
N GLY A 144 -11.43 -21.06 -46.62
CA GLY A 144 -12.18 -22.27 -46.46
C GLY A 144 -11.27 -23.44 -46.13
N VAL A 145 -11.91 -24.60 -45.88
CA VAL A 145 -11.19 -25.81 -45.54
C VAL A 145 -10.26 -26.20 -46.70
N GLY A 146 -9.11 -26.77 -46.36
CA GLY A 146 -8.14 -27.20 -47.35
C GLY A 146 -7.62 -26.16 -48.31
N GLN A 147 -7.35 -24.95 -47.82
CA GLN A 147 -6.82 -23.91 -48.68
C GLN A 147 -5.60 -23.28 -48.02
N MET A 148 -4.59 -24.11 -47.81
CA MET A 148 -3.35 -23.65 -47.19
C MET A 148 -2.65 -22.65 -48.08
N ASP A 149 -2.71 -22.87 -49.38
CA ASP A 149 -2.04 -22.01 -50.33
C ASP A 149 -2.58 -20.60 -50.22
N ARG A 150 -3.88 -20.48 -50.04
CA ARG A 150 -4.49 -19.17 -49.89
C ARG A 150 -3.98 -18.52 -48.60
N VAL A 151 -3.84 -19.33 -47.56
CA VAL A 151 -3.36 -18.83 -46.26
C VAL A 151 -1.91 -18.37 -46.35
N ASP A 152 -1.10 -19.10 -47.12
CA ASP A 152 0.31 -18.70 -47.27
C ASP A 152 0.42 -17.35 -47.95
N ALA A 153 -0.44 -17.09 -48.95
CA ALA A 153 -0.38 -15.85 -49.70
C ALA A 153 -0.96 -14.68 -48.91
N LEU A 154 -2.05 -14.94 -48.17
CA LEU A 154 -2.64 -13.90 -47.33
C LEU A 154 -1.67 -13.47 -46.23
N VAL A 155 -0.93 -14.42 -45.65
CA VAL A 155 0.05 -14.08 -44.61
C VAL A 155 1.17 -13.22 -45.18
N GLU A 156 1.69 -13.58 -46.36
CA GLU A 156 2.75 -12.78 -46.98
C GLU A 156 2.29 -11.35 -47.24
N ALA A 157 1.02 -11.18 -47.61
CA ALA A 157 0.46 -9.84 -47.81
C ALA A 157 0.19 -9.14 -46.48
N GLY A 158 0.26 -9.85 -45.37
CA GLY A 158 0.15 -9.23 -44.07
C GLY A 158 -1.26 -9.05 -43.55
N VAL A 159 -2.19 -9.93 -43.90
CA VAL A 159 -3.50 -9.92 -43.27
C VAL A 159 -3.34 -9.99 -41.75
N ASP A 160 -4.15 -9.24 -41.03
CA ASP A 160 -4.08 -9.32 -39.58
C ASP A 160 -4.76 -10.58 -39.05
N VAL A 161 -5.98 -10.87 -39.51
CA VAL A 161 -6.72 -12.04 -39.03
C VAL A 161 -7.34 -12.77 -40.21
N VAL A 162 -7.22 -14.10 -40.23
CA VAL A 162 -7.93 -14.92 -41.22
C VAL A 162 -9.17 -15.49 -40.57
N VAL A 163 -10.23 -15.57 -41.35
CA VAL A 163 -11.55 -15.95 -40.89
C VAL A 163 -11.88 -17.24 -41.61
N LEU A 164 -11.99 -18.34 -40.86
CA LEU A 164 -12.22 -19.67 -41.41
C LEU A 164 -13.73 -19.95 -41.37
N ASP A 165 -14.41 -19.71 -42.50
CA ASP A 165 -15.86 -19.87 -42.61
C ASP A 165 -16.23 -21.27 -43.07
N SER A 166 -17.18 -21.89 -42.37
CA SER A 166 -17.90 -23.04 -42.89
C SER A 166 -19.39 -22.85 -42.58
N ALA A 167 -20.21 -23.63 -43.28
CA ALA A 167 -21.61 -23.74 -42.89
C ALA A 167 -21.74 -24.41 -41.52
N HIS A 168 -20.85 -25.38 -41.24
CA HIS A 168 -20.89 -26.15 -40.01
C HIS A 168 -19.49 -26.14 -39.39
N GLY A 169 -19.27 -25.21 -38.44
CA GLY A 169 -17.98 -25.10 -37.80
C GLY A 169 -17.64 -26.28 -36.91
N HIS A 170 -18.63 -26.90 -36.27
CA HIS A 170 -18.41 -28.00 -35.34
C HIS A 170 -18.28 -29.32 -36.10
N SER A 171 -17.16 -29.46 -36.80
CA SER A 171 -16.96 -30.60 -37.69
C SER A 171 -15.49 -30.95 -37.75
N LYS A 172 -15.22 -32.21 -38.12
CA LYS A 172 -13.83 -32.69 -38.20
C LYS A 172 -13.01 -31.89 -39.20
N GLY A 173 -13.63 -31.51 -40.34
CA GLY A 173 -12.90 -30.74 -41.34
C GLY A 173 -12.42 -29.38 -40.83
N ILE A 174 -13.33 -28.63 -40.18
CA ILE A 174 -12.96 -27.34 -39.61
C ILE A 174 -11.90 -27.50 -38.51
N ILE A 175 -12.16 -28.38 -37.54
CA ILE A 175 -11.22 -28.54 -36.44
C ILE A 175 -9.86 -29.00 -36.94
N ASP A 176 -9.83 -29.90 -37.92
CA ASP A 176 -8.55 -30.31 -38.46
C ASP A 176 -7.85 -29.16 -39.18
N THR A 177 -8.61 -28.25 -39.79
CA THR A 177 -7.97 -27.13 -40.47
C THR A 177 -7.41 -26.13 -39.47
N VAL A 178 -8.12 -25.91 -38.36
CA VAL A 178 -7.64 -25.03 -37.31
C VAL A 178 -6.29 -25.51 -36.78
N LYS A 179 -6.12 -26.82 -36.64
CA LYS A 179 -4.85 -27.34 -36.14
C LYS A 179 -3.75 -27.21 -37.18
N ALA A 180 -4.05 -27.47 -38.45
CA ALA A 180 -3.04 -27.35 -39.50
C ALA A 180 -2.51 -25.92 -39.61
N ILE A 181 -3.42 -24.94 -39.57
CA ILE A 181 -3.02 -23.54 -39.64
C ILE A 181 -2.22 -23.14 -38.41
N LYS A 182 -2.68 -23.56 -37.22
CA LYS A 182 -1.96 -23.23 -35.99
C LYS A 182 -0.62 -23.94 -35.89
N ALA A 183 -0.47 -25.08 -36.54
CA ALA A 183 0.83 -25.75 -36.54
C ALA A 183 1.85 -24.99 -37.38
N LYS A 184 1.39 -24.40 -38.48
CA LYS A 184 2.28 -23.70 -39.41
C LYS A 184 2.39 -22.22 -39.10
N TYR A 185 1.34 -21.63 -38.53
CA TYR A 185 1.30 -20.21 -38.20
C TYR A 185 0.75 -20.03 -36.79
N PRO A 186 1.55 -20.40 -35.78
CA PRO A 186 1.08 -20.26 -34.38
C PRO A 186 0.65 -18.85 -34.01
N ASN A 187 1.27 -17.84 -34.61
CA ASN A 187 1.08 -16.46 -34.22
C ASN A 187 0.08 -15.72 -35.09
N LEU A 188 -0.50 -16.39 -36.10
CA LEU A 188 -1.56 -15.81 -36.91
C LEU A 188 -2.91 -15.91 -36.17
N ASP A 189 -3.59 -14.77 -36.02
CA ASP A 189 -4.93 -14.79 -35.43
C ASP A 189 -5.91 -15.49 -36.37
N LEU A 190 -6.67 -16.43 -35.81
CA LEU A 190 -7.58 -17.26 -36.60
C LEU A 190 -8.95 -17.32 -35.91
N ILE A 191 -9.99 -16.86 -36.61
CA ILE A 191 -11.39 -16.95 -36.19
C ILE A 191 -12.03 -18.13 -36.90
N ALA A 192 -12.78 -18.96 -36.17
CA ALA A 192 -13.48 -20.09 -36.77
C ALA A 192 -14.99 -20.04 -36.49
N GLY A 193 -15.77 -20.42 -37.50
CA GLY A 193 -17.22 -20.43 -37.40
C GLY A 193 -17.78 -21.19 -38.59
N ASN A 194 -19.09 -21.32 -38.62
CA ASN A 194 -19.95 -20.81 -37.56
C ASN A 194 -20.46 -21.96 -36.67
N ILE A 195 -20.74 -21.62 -35.42
CA ILE A 195 -21.16 -22.59 -34.43
C ILE A 195 -22.38 -22.02 -33.71
N ALA A 196 -23.15 -22.91 -33.06
CA ALA A 196 -24.29 -22.43 -32.28
C ALA A 196 -24.47 -23.18 -30.95
N THR A 197 -23.49 -23.94 -30.50
CA THR A 197 -23.64 -24.69 -29.26
C THR A 197 -22.39 -24.57 -28.40
N ALA A 198 -22.58 -24.72 -27.09
CA ALA A 198 -21.48 -24.80 -26.13
C ALA A 198 -20.50 -25.91 -26.48
N ALA A 199 -20.99 -27.07 -26.94
CA ALA A 199 -20.08 -28.14 -27.31
C ALA A 199 -19.20 -27.75 -28.48
N ALA A 200 -19.76 -26.97 -29.42
CA ALA A 200 -18.98 -26.48 -30.54
C ALA A 200 -17.93 -25.47 -30.10
N ALA A 201 -18.31 -24.55 -29.20
CA ALA A 201 -17.34 -23.57 -28.74
C ALA A 201 -16.17 -24.25 -28.03
N LYS A 202 -16.47 -25.26 -27.22
CA LYS A 202 -15.41 -25.93 -26.49
C LYS A 202 -14.43 -26.60 -27.46
N ALA A 203 -14.95 -27.18 -28.56
CA ALA A 203 -14.10 -27.93 -29.49
C ALA A 203 -13.23 -27.00 -30.32
N LEU A 204 -13.77 -25.86 -30.75
CA LEU A 204 -12.95 -24.89 -31.47
C LEU A 204 -11.96 -24.20 -30.55
N CYS A 205 -12.34 -23.95 -29.28
CA CYS A 205 -11.39 -23.37 -28.34
C CYS A 205 -10.28 -24.35 -28.00
N GLU A 206 -10.60 -25.64 -27.84
CA GLU A 206 -9.58 -26.64 -27.57
C GLU A 206 -8.64 -26.80 -28.74
N ALA A 207 -9.13 -26.68 -29.97
CA ALA A 207 -8.26 -26.69 -31.13
C ALA A 207 -7.41 -25.42 -31.22
N GLY A 208 -7.70 -24.41 -30.38
CA GLY A 208 -6.84 -23.26 -30.27
C GLY A 208 -7.14 -22.10 -31.19
N VAL A 209 -8.42 -21.85 -31.53
CA VAL A 209 -8.76 -20.64 -32.26
C VAL A 209 -8.61 -19.44 -31.34
N ASP A 210 -8.65 -18.25 -31.92
CA ASP A 210 -8.53 -17.00 -31.17
C ASP A 210 -9.85 -16.24 -31.02
N ALA A 211 -10.90 -16.66 -31.75
CA ALA A 211 -12.28 -16.20 -31.58
C ALA A 211 -13.23 -17.16 -32.30
N VAL A 212 -14.49 -17.20 -31.86
CA VAL A 212 -15.50 -18.08 -32.45
C VAL A 212 -16.65 -17.24 -33.00
N LYS A 213 -17.11 -17.59 -34.20
CA LYS A 213 -18.24 -16.91 -34.82
C LYS A 213 -19.52 -17.71 -34.64
N VAL A 214 -20.53 -17.07 -34.05
CA VAL A 214 -21.79 -17.74 -33.68
C VAL A 214 -22.86 -17.27 -34.65
N GLY A 215 -23.55 -18.23 -35.26
CA GLY A 215 -24.70 -17.94 -36.08
C GLY A 215 -24.99 -19.06 -37.06
N ILE A 216 -25.99 -19.88 -36.78
CA ILE A 216 -26.52 -20.83 -37.74
C ILE A 216 -27.95 -20.41 -38.03
N GLY A 217 -28.17 -19.87 -39.22
CA GLY A 217 -29.51 -19.54 -39.65
C GLY A 217 -30.00 -18.11 -39.53
N PRO A 218 -29.45 -17.27 -38.64
CA PRO A 218 -30.11 -15.99 -38.35
C PRO A 218 -29.99 -14.95 -39.45
N GLY A 219 -29.06 -15.13 -40.39
CA GLY A 219 -28.82 -14.12 -41.40
C GLY A 219 -30.05 -13.67 -42.15
N SER A 220 -30.04 -12.42 -42.60
CA SER A 220 -31.15 -11.89 -43.39
C SER A 220 -31.41 -12.73 -44.63
N ILE A 221 -30.35 -13.08 -45.37
CA ILE A 221 -30.46 -13.77 -46.65
C ILE A 221 -30.31 -15.29 -46.50
N CYS A 222 -30.31 -15.80 -45.26
CA CYS A 222 -30.02 -17.20 -45.00
C CYS A 222 -31.30 -18.03 -45.03
N THR A 223 -31.21 -19.24 -45.59
CA THR A 223 -32.37 -20.15 -45.57
C THR A 223 -32.06 -21.49 -44.91
N THR A 224 -30.87 -21.63 -44.33
CA THR A 224 -30.46 -22.89 -43.71
C THR A 224 -31.50 -23.46 -42.76
N ARG A 225 -32.09 -22.61 -41.90
CA ARG A 225 -33.01 -23.15 -40.91
C ARG A 225 -34.27 -23.71 -41.55
N ILE A 226 -34.69 -23.16 -42.69
CA ILE A 226 -35.86 -23.66 -43.40
C ILE A 226 -35.50 -24.85 -44.27
N VAL A 227 -34.31 -24.82 -44.86
CA VAL A 227 -33.96 -25.80 -45.86
C VAL A 227 -33.51 -27.11 -45.22
N SER A 228 -32.82 -27.02 -44.07
CA SER A 228 -32.34 -28.20 -43.37
C SER A 228 -32.95 -28.42 -41.98
N GLY A 229 -33.72 -27.47 -41.45
CA GLY A 229 -34.28 -27.70 -40.13
C GLY A 229 -33.36 -27.41 -38.97
N VAL A 230 -32.20 -26.82 -39.22
CA VAL A 230 -31.11 -26.78 -38.25
C VAL A 230 -30.80 -25.32 -37.91
N GLY A 231 -30.60 -25.05 -36.63
CA GLY A 231 -30.18 -23.74 -36.17
C GLY A 231 -30.56 -23.53 -34.74
N VAL A 232 -29.99 -22.50 -34.13
CA VAL A 232 -30.33 -22.06 -32.81
C VAL A 232 -30.62 -20.57 -32.82
N PRO A 233 -31.77 -20.10 -32.41
CA PRO A 233 -32.06 -18.67 -32.35
C PRO A 233 -30.94 -17.89 -31.67
N GLN A 234 -30.66 -16.71 -32.21
CA GLN A 234 -29.34 -16.11 -32.03
C GLN A 234 -29.05 -15.71 -30.59
N ILE A 235 -30.01 -15.08 -29.89
CA ILE A 235 -29.75 -14.63 -28.52
C ILE A 235 -29.40 -15.82 -27.62
N SER A 236 -30.07 -16.97 -27.83
CA SER A 236 -29.76 -18.16 -27.05
C SER A 236 -28.43 -18.77 -27.47
N ALA A 237 -28.11 -18.70 -28.77
CA ALA A 237 -26.86 -19.26 -29.27
C ALA A 237 -25.66 -18.51 -28.71
N ILE A 238 -25.71 -17.17 -28.73
CA ILE A 238 -24.63 -16.37 -28.16
C ILE A 238 -24.48 -16.67 -26.67
N ASP A 239 -25.61 -16.75 -25.96
CA ASP A 239 -25.57 -16.99 -24.52
C ASP A 239 -24.86 -18.31 -24.20
N GLU A 240 -25.26 -19.39 -24.87
CA GLU A 240 -24.65 -20.70 -24.68
C GLU A 240 -23.15 -20.68 -24.99
N CYS A 241 -22.76 -20.01 -26.09
CA CYS A 241 -21.36 -20.03 -26.53
C CYS A 241 -20.49 -19.06 -25.75
N VAL A 242 -21.05 -17.95 -25.24
CA VAL A 242 -20.24 -17.03 -24.44
C VAL A 242 -19.87 -17.67 -23.11
N GLU A 243 -20.83 -18.36 -22.47
CA GLU A 243 -20.51 -18.96 -21.18
C GLU A 243 -19.48 -20.07 -21.33
N GLU A 244 -19.37 -20.66 -22.52
CA GLU A 244 -18.36 -21.71 -22.67
C GLU A 244 -17.02 -21.13 -23.07
N ALA A 245 -17.01 -20.21 -24.03
CA ALA A 245 -15.76 -19.62 -24.51
C ALA A 245 -15.07 -18.79 -23.44
N ASN A 246 -15.83 -18.08 -22.59
CA ASN A 246 -15.20 -17.31 -21.51
C ASN A 246 -14.29 -18.19 -20.66
N LYS A 247 -14.60 -19.48 -20.57
CA LYS A 247 -13.73 -20.41 -19.85
C LYS A 247 -12.34 -20.49 -20.47
N PHE A 248 -12.20 -20.18 -21.76
CA PHE A 248 -10.90 -20.22 -22.42
C PHE A 248 -10.32 -18.84 -22.68
N GLY A 249 -11.01 -17.76 -22.29
CA GLY A 249 -10.58 -16.43 -22.67
C GLY A 249 -10.69 -16.12 -24.14
N VAL A 250 -11.70 -16.66 -24.83
CA VAL A 250 -11.87 -16.52 -26.27
C VAL A 250 -13.11 -15.70 -26.54
N PRO A 251 -13.05 -14.58 -27.26
CA PRO A 251 -14.24 -13.78 -27.50
C PRO A 251 -15.13 -14.36 -28.60
N VAL A 252 -16.39 -13.93 -28.56
CA VAL A 252 -17.45 -14.45 -29.42
C VAL A 252 -17.93 -13.33 -30.33
N ILE A 253 -17.97 -13.62 -31.62
CA ILE A 253 -18.46 -12.70 -32.63
C ILE A 253 -19.90 -13.08 -32.97
N ALA A 254 -20.83 -12.17 -32.73
CA ALA A 254 -22.23 -12.41 -33.06
C ALA A 254 -22.45 -12.11 -34.54
N ASP A 255 -22.72 -13.13 -35.33
CA ASP A 255 -22.75 -13.01 -36.79
C ASP A 255 -24.15 -13.30 -37.30
N GLY A 256 -24.83 -12.27 -37.80
CA GLY A 256 -26.10 -12.44 -38.50
C GLY A 256 -27.32 -12.10 -37.64
N GLY A 257 -28.37 -11.59 -38.31
CA GLY A 257 -29.63 -11.29 -37.65
C GLY A 257 -29.76 -9.90 -37.05
N ILE A 258 -28.81 -9.02 -37.29
CA ILE A 258 -28.94 -7.64 -36.83
C ILE A 258 -29.82 -6.85 -37.79
N LYS A 259 -30.97 -6.38 -37.30
CA LYS A 259 -31.88 -5.56 -38.11
C LYS A 259 -31.89 -4.09 -37.68
N TYR A 260 -31.59 -3.82 -36.42
CA TYR A 260 -31.63 -2.49 -35.85
C TYR A 260 -30.46 -2.34 -34.88
N SER A 261 -30.16 -1.09 -34.52
CA SER A 261 -29.01 -0.86 -33.65
C SER A 261 -29.22 -1.50 -32.28
N GLY A 262 -30.48 -1.61 -31.83
CA GLY A 262 -30.73 -2.20 -30.53
C GLY A 262 -30.30 -3.65 -30.46
N ASP A 263 -30.36 -4.37 -31.59
CA ASP A 263 -29.90 -5.75 -31.63
C ASP A 263 -28.41 -5.83 -31.31
N ILE A 264 -27.62 -4.83 -31.77
CA ILE A 264 -26.20 -4.79 -31.44
C ILE A 264 -26.00 -4.68 -29.93
N ALA A 265 -26.68 -3.70 -29.32
CA ALA A 265 -26.61 -3.52 -27.88
C ALA A 265 -26.90 -4.82 -27.14
N LYS A 266 -27.90 -5.57 -27.61
CA LYS A 266 -28.31 -6.78 -26.90
C LYS A 266 -27.29 -7.90 -27.08
N ALA A 267 -26.80 -8.10 -28.31
CA ALA A 267 -25.74 -9.08 -28.53
C ALA A 267 -24.52 -8.80 -27.66
N LEU A 268 -24.08 -7.53 -27.61
CA LEU A 268 -22.93 -7.21 -26.77
C LEU A 268 -23.25 -7.43 -25.30
N ALA A 269 -24.48 -7.09 -24.89
CA ALA A 269 -24.86 -7.20 -23.48
C ALA A 269 -24.95 -8.66 -23.02
N VAL A 270 -25.40 -9.56 -23.88
CA VAL A 270 -25.43 -10.99 -23.53
C VAL A 270 -24.02 -11.51 -23.28
N GLY A 271 -23.00 -10.87 -23.87
CA GLY A 271 -21.63 -11.27 -23.62
C GLY A 271 -20.79 -11.44 -24.87
N ALA A 272 -21.37 -11.25 -26.05
CA ALA A 272 -20.56 -11.29 -27.25
C ALA A 272 -19.63 -10.08 -27.28
N SER A 273 -18.48 -10.24 -27.93
CA SER A 273 -17.50 -9.17 -27.91
C SER A 273 -17.55 -8.28 -29.14
N SER A 274 -18.15 -8.76 -30.22
CA SER A 274 -18.24 -7.94 -31.42
C SER A 274 -19.35 -8.52 -32.28
N VAL A 275 -19.69 -7.82 -33.34
CA VAL A 275 -20.87 -8.13 -34.13
C VAL A 275 -20.52 -8.01 -35.61
N MET A 276 -20.93 -9.00 -36.40
CA MET A 276 -20.73 -8.99 -37.84
C MET A 276 -22.02 -8.58 -38.54
N ILE A 277 -21.91 -7.65 -39.48
CA ILE A 277 -23.06 -7.04 -40.15
C ILE A 277 -22.97 -7.29 -41.65
N GLY A 278 -24.04 -7.86 -42.21
CA GLY A 278 -24.19 -7.96 -43.64
C GLY A 278 -25.16 -6.97 -44.26
N SER A 279 -26.47 -7.24 -44.10
CA SER A 279 -27.51 -6.44 -44.76
C SER A 279 -27.35 -4.94 -44.48
N LEU A 280 -27.19 -4.57 -43.22
CA LEU A 280 -27.16 -3.15 -42.88
C LEU A 280 -26.04 -2.39 -43.59
N LEU A 281 -24.98 -3.07 -44.01
CA LEU A 281 -23.91 -2.39 -44.73
C LEU A 281 -23.99 -2.58 -46.23
N ALA A 282 -24.78 -3.55 -46.69
CA ALA A 282 -24.81 -3.91 -48.11
C ALA A 282 -25.37 -2.80 -48.99
N GLY A 283 -26.20 -1.92 -48.44
CA GLY A 283 -26.69 -0.83 -49.26
C GLY A 283 -25.85 0.43 -49.22
N THR A 284 -24.57 0.33 -48.88
CA THR A 284 -23.74 1.52 -48.80
C THR A 284 -22.94 1.77 -50.08
N ASP A 285 -22.42 3.00 -50.18
CA ASP A 285 -21.52 3.35 -51.27
C ASP A 285 -20.36 2.38 -51.40
N GLU A 286 -19.75 2.00 -50.28
CA GLU A 286 -18.49 1.27 -50.31
C GLU A 286 -18.66 -0.20 -50.65
N SER A 287 -19.85 -0.77 -50.48
CA SER A 287 -20.07 -2.16 -50.85
C SER A 287 -19.87 -2.37 -52.34
N PRO A 288 -19.47 -3.57 -52.76
CA PRO A 288 -19.42 -3.88 -54.18
C PRO A 288 -20.80 -3.86 -54.81
N GLY A 289 -20.83 -3.51 -56.08
CA GLY A 289 -22.07 -3.38 -56.82
C GLY A 289 -22.43 -1.92 -57.03
N GLU A 290 -23.21 -1.67 -58.07
CA GLU A 290 -23.57 -0.29 -58.35
C GLU A 290 -24.99 0.02 -57.91
N LEU A 291 -25.26 1.31 -57.76
CA LEU A 291 -26.59 1.81 -57.48
C LEU A 291 -27.53 1.55 -58.65
N PHE A 292 -28.76 1.16 -58.35
CA PHE A 292 -29.82 1.17 -59.34
C PHE A 292 -31.12 1.65 -58.71
N THR A 293 -32.00 2.14 -59.56
CA THR A 293 -33.30 2.66 -59.15
C THR A 293 -34.39 1.79 -59.75
N TYR A 294 -35.36 1.41 -58.92
CA TYR A 294 -36.47 0.58 -59.34
C TYR A 294 -37.72 1.15 -58.70
N GLN A 295 -38.65 1.59 -59.53
CA GLN A 295 -39.94 2.13 -59.07
C GLN A 295 -39.77 3.25 -58.05
N GLY A 296 -38.79 4.10 -58.28
CA GLY A 296 -38.62 5.33 -57.54
C GLY A 296 -37.83 5.21 -56.27
N ARG A 297 -37.34 4.03 -55.95
CA ARG A 297 -36.49 3.82 -54.80
C ARG A 297 -35.12 3.35 -55.27
N GLN A 298 -34.09 3.69 -54.49
CA GLN A 298 -32.73 3.28 -54.82
C GLN A 298 -32.33 2.03 -54.05
N TYR A 299 -31.62 1.13 -54.74
CA TYR A 299 -31.26 -0.18 -54.20
C TYR A 299 -29.82 -0.48 -54.53
N LYS A 300 -29.21 -1.33 -53.70
CA LYS A 300 -28.10 -2.15 -54.12
C LYS A 300 -28.46 -3.61 -53.92
N SER A 301 -27.78 -4.48 -54.64
CA SER A 301 -28.08 -5.89 -54.51
C SER A 301 -27.25 -6.48 -53.38
N TYR A 302 -27.74 -7.59 -52.83
CA TYR A 302 -27.18 -8.27 -51.67
C TYR A 302 -27.61 -9.72 -51.74
N ARG A 303 -26.70 -10.64 -51.44
CA ARG A 303 -27.03 -12.05 -51.67
C ARG A 303 -26.23 -12.97 -50.77
N GLY A 304 -26.83 -14.12 -50.48
CA GLY A 304 -26.16 -15.11 -49.66
C GLY A 304 -24.96 -15.70 -50.37
N MET A 305 -23.95 -16.03 -49.59
CA MET A 305 -22.80 -16.72 -50.16
C MET A 305 -23.14 -18.15 -50.53
N GLY A 306 -24.27 -18.67 -50.05
CA GLY A 306 -24.72 -20.00 -50.43
C GLY A 306 -25.92 -19.98 -51.36
N SER A 307 -26.12 -18.85 -52.03
CA SER A 307 -27.13 -18.74 -53.08
C SER A 307 -26.56 -19.20 -54.41
N LEU A 308 -27.46 -19.64 -55.31
CA LEU A 308 -27.04 -20.04 -56.66
C LEU A 308 -26.13 -19.01 -57.30
N GLY A 309 -26.56 -17.73 -57.30
CA GLY A 309 -25.80 -16.70 -57.98
C GLY A 309 -24.38 -16.55 -57.46
N ALA A 310 -24.19 -16.65 -56.15
CA ALA A 310 -22.85 -16.54 -55.59
C ALA A 310 -22.03 -17.81 -55.82
N MET A 311 -22.68 -18.94 -56.04
CA MET A 311 -21.91 -20.15 -56.28
C MET A 311 -21.56 -20.35 -57.75
N GLN A 312 -22.17 -19.59 -58.65
CA GLN A 312 -21.80 -19.61 -60.07
C GLN A 312 -20.50 -18.85 -60.29
N LYS A 328 -26.88 -30.91 -59.58
CA LYS A 328 -27.41 -29.56 -59.39
C LYS A 328 -27.28 -29.15 -57.91
N LEU A 329 -27.16 -27.84 -57.65
CA LEU A 329 -26.81 -27.36 -56.32
C LEU A 329 -28.05 -27.11 -55.46
N VAL A 330 -27.90 -27.32 -54.15
CA VAL A 330 -28.97 -27.10 -53.19
C VAL A 330 -28.60 -25.91 -52.30
N PRO A 331 -29.09 -24.72 -52.59
CA PRO A 331 -28.61 -23.52 -51.89
C PRO A 331 -29.16 -23.42 -50.47
N GLU A 332 -28.50 -22.56 -49.70
CA GLU A 332 -28.98 -22.17 -48.38
C GLU A 332 -28.98 -20.66 -48.24
N GLY A 333 -29.06 -19.94 -49.37
CA GLY A 333 -29.20 -18.49 -49.37
C GLY A 333 -30.00 -18.02 -50.57
N ILE A 334 -30.39 -16.75 -50.53
CA ILE A 334 -31.11 -16.16 -51.65
C ILE A 334 -30.39 -14.90 -52.15
N GLU A 335 -30.83 -14.44 -53.32
CA GLU A 335 -30.34 -13.23 -53.96
C GLU A 335 -31.43 -12.17 -53.92
N GLY A 336 -31.08 -10.96 -53.49
CA GLY A 336 -32.04 -9.89 -53.39
C GLY A 336 -31.44 -8.50 -53.40
N ARG A 337 -32.20 -7.55 -52.86
CA ARG A 337 -31.87 -6.14 -52.89
C ARG A 337 -32.17 -5.50 -51.54
N VAL A 338 -31.38 -4.49 -51.20
CA VAL A 338 -31.56 -3.74 -49.96
C VAL A 338 -31.57 -2.26 -50.31
N PRO A 339 -32.34 -1.44 -49.61
CA PRO A 339 -32.37 -0.01 -49.94
C PRO A 339 -31.02 0.67 -49.76
N TYR A 340 -30.69 1.54 -50.71
CA TYR A 340 -29.51 2.39 -50.61
C TYR A 340 -29.57 3.27 -49.37
N VAL A 341 -28.53 3.23 -48.54
CA VAL A 341 -28.52 3.98 -47.30
C VAL A 341 -27.39 5.00 -47.23
N GLY A 342 -26.49 5.05 -48.21
CA GLY A 342 -25.49 6.11 -48.23
C GLY A 342 -24.08 5.65 -47.88
N SER A 343 -23.32 6.53 -47.25
CA SER A 343 -21.96 6.20 -46.86
C SER A 343 -21.96 5.22 -45.68
N ILE A 344 -20.87 4.46 -45.56
CA ILE A 344 -20.69 3.61 -44.39
C ILE A 344 -20.59 4.45 -43.12
N ARG A 345 -19.91 5.60 -43.21
CA ARG A 345 -19.71 6.41 -42.03
C ARG A 345 -21.05 6.77 -41.37
N SER A 346 -22.08 7.05 -42.18
CA SER A 346 -23.35 7.53 -41.64
C SER A 346 -24.22 6.39 -41.08
N VAL A 347 -24.17 5.21 -41.71
CA VAL A 347 -24.79 4.02 -41.12
C VAL A 347 -24.11 3.68 -39.79
N VAL A 348 -22.78 3.60 -39.79
CA VAL A 348 -22.02 3.32 -38.57
C VAL A 348 -22.34 4.33 -37.48
N HIS A 349 -22.43 5.60 -37.85
CA HIS A 349 -22.73 6.62 -36.85
C HIS A 349 -24.07 6.37 -36.17
N GLN A 350 -25.09 6.00 -36.97
CA GLN A 350 -26.39 5.65 -36.40
C GLN A 350 -26.30 4.40 -35.54
N LEU A 351 -25.59 3.38 -36.02
CA LEU A 351 -25.53 2.13 -35.27
C LEU A 351 -24.89 2.35 -33.91
N LEU A 352 -23.71 2.99 -33.88
CA LEU A 352 -23.05 3.23 -32.60
C LEU A 352 -23.83 4.20 -31.70
N GLY A 353 -24.50 5.20 -32.28
CA GLY A 353 -25.38 6.04 -31.49
C GLY A 353 -26.44 5.24 -30.74
N GLY A 354 -26.94 4.17 -31.37
CA GLY A 354 -27.84 3.26 -30.66
C GLY A 354 -27.13 2.55 -29.51
N LEU A 355 -25.96 1.96 -29.80
CA LEU A 355 -25.14 1.34 -28.76
C LEU A 355 -24.86 2.29 -27.59
N ARG A 356 -24.37 3.50 -27.90
CA ARG A 356 -24.06 4.48 -26.87
C ARG A 356 -25.30 4.85 -26.06
N SER A 357 -26.40 5.14 -26.74
CA SER A 357 -27.67 5.38 -26.08
C SER A 357 -28.00 4.26 -25.09
N SER A 358 -27.89 3.01 -25.56
CA SER A 358 -28.22 1.86 -24.72
C SER A 358 -27.35 1.81 -23.47
N MET A 359 -26.03 1.88 -23.65
CA MET A 359 -25.14 1.85 -22.50
C MET A 359 -25.41 3.01 -21.53
N GLY A 360 -25.91 4.15 -22.04
CA GLY A 360 -26.36 5.20 -21.14
C GLY A 360 -27.51 4.74 -20.26
N TYR A 361 -28.54 4.14 -20.86
CA TYR A 361 -29.71 3.66 -20.12
C TYR A 361 -29.35 2.60 -19.08
N VAL A 362 -28.40 1.71 -19.41
CA VAL A 362 -27.96 0.69 -18.46
C VAL A 362 -26.98 1.26 -17.43
N GLY A 363 -26.34 2.39 -17.72
CA GLY A 363 -25.41 2.98 -16.78
C GLY A 363 -24.00 2.41 -16.85
N ALA A 364 -23.58 1.96 -18.03
CA ALA A 364 -22.30 1.28 -18.21
C ALA A 364 -21.26 2.22 -18.80
N LYS A 365 -20.05 2.18 -18.26
CA LYS A 365 -18.99 3.06 -18.77
C LYS A 365 -18.24 2.46 -19.95
N ASP A 366 -18.21 1.13 -20.09
CA ASP A 366 -17.58 0.46 -21.23
C ASP A 366 -18.26 -0.90 -21.44
N ILE A 367 -17.75 -1.67 -22.40
CA ILE A 367 -18.49 -2.85 -22.84
C ILE A 367 -18.56 -3.90 -21.72
N GLU A 368 -17.46 -4.13 -20.99
CA GLU A 368 -17.55 -5.17 -19.98
C GLU A 368 -18.36 -4.72 -18.76
N ASP A 369 -18.36 -3.42 -18.45
CA ASP A 369 -19.30 -2.94 -17.44
C ASP A 369 -20.74 -3.12 -17.91
N PHE A 370 -21.00 -2.80 -19.18
CA PHE A 370 -22.25 -3.12 -19.84
C PHE A 370 -22.64 -4.59 -19.64
N GLN A 371 -21.70 -5.51 -19.84
CA GLN A 371 -22.02 -6.94 -19.74
C GLN A 371 -22.33 -7.36 -18.31
N LYS A 372 -21.60 -6.85 -17.34
CA LYS A 372 -21.88 -7.21 -15.94
C LYS A 372 -23.12 -6.53 -15.38
N ARG A 373 -23.54 -5.39 -15.94
CA ARG A 373 -24.68 -4.68 -15.39
C ARG A 373 -26.02 -5.15 -15.96
N ALA A 374 -26.01 -5.71 -17.17
CA ALA A 374 -27.24 -5.87 -17.95
C ALA A 374 -28.13 -6.98 -17.40
N GLU A 375 -29.39 -6.65 -17.16
CA GLU A 375 -30.44 -7.60 -16.88
C GLU A 375 -31.54 -7.39 -17.91
N PHE A 376 -32.11 -8.49 -18.41
CA PHE A 376 -33.11 -8.45 -19.47
C PHE A 376 -34.48 -8.76 -18.91
N VAL A 377 -35.49 -8.46 -19.72
CA VAL A 377 -36.81 -9.04 -19.52
C VAL A 377 -37.22 -9.77 -20.79
N GLU A 378 -38.05 -10.79 -20.62
CA GLU A 378 -38.64 -11.53 -21.73
C GLU A 378 -39.97 -10.87 -22.05
N ILE A 379 -40.23 -10.63 -23.33
CA ILE A 379 -41.43 -9.93 -23.74
C ILE A 379 -42.30 -10.82 -24.64
N THR A 380 -43.53 -10.37 -24.84
CA THR A 380 -44.53 -11.03 -25.68
C THR A 380 -44.60 -10.38 -27.05
N THR A 381 -45.42 -10.98 -27.91
CA THR A 381 -45.71 -10.38 -29.21
C THR A 381 -46.34 -9.00 -29.07
N ALA A 382 -47.32 -8.88 -28.18
CA ALA A 382 -47.92 -7.58 -27.92
C ALA A 382 -46.89 -6.60 -27.37
N GLY A 383 -45.89 -7.10 -26.66
CA GLY A 383 -44.83 -6.24 -26.19
C GLY A 383 -43.98 -5.72 -27.32
N LEU A 384 -43.65 -6.59 -28.28
CA LEU A 384 -42.89 -6.17 -29.46
C LEU A 384 -43.62 -5.08 -30.24
N LYS A 385 -44.95 -5.23 -30.40
CA LYS A 385 -45.69 -4.24 -31.18
C LYS A 385 -45.72 -2.89 -30.49
N GLU A 386 -45.74 -2.87 -29.16
CA GLU A 386 -45.69 -1.59 -28.45
C GLU A 386 -44.33 -0.92 -28.60
N SER A 387 -43.25 -1.72 -28.64
CA SER A 387 -41.90 -1.17 -28.79
C SER A 387 -41.74 -0.45 -30.12
N HIS A 388 -42.19 -1.08 -31.20
CA HIS A 388 -42.19 -0.43 -32.50
C HIS A 388 -43.08 0.81 -32.50
N VAL A 389 -42.97 1.60 -33.58
CA VAL A 389 -43.96 2.63 -33.84
C VAL A 389 -45.31 1.96 -34.07
N HIS A 390 -46.36 2.53 -33.50
CA HIS A 390 -47.70 1.94 -33.62
C HIS A 390 -48.75 3.04 -33.55
N ASP A 391 -49.88 2.80 -34.23
CA ASP A 391 -51.06 3.67 -34.28
C ASP A 391 -50.78 5.04 -34.90
N VAL A 392 -49.63 5.21 -35.53
CA VAL A 392 -49.27 6.46 -36.21
C VAL A 392 -48.71 6.06 -37.55
N THR A 393 -48.97 6.88 -38.56
CA THR A 393 -48.40 6.69 -39.89
C THR A 393 -47.17 7.57 -40.04
N ILE A 394 -46.00 6.95 -40.21
CA ILE A 394 -44.77 7.72 -40.38
C ILE A 394 -44.85 8.50 -41.67
N THR A 395 -44.47 9.78 -41.62
CA THR A 395 -44.43 10.64 -42.78
C THR A 395 -43.04 11.18 -43.09
N HIS A 396 -42.12 11.15 -42.14
CA HIS A 396 -40.74 11.58 -42.32
C HIS A 396 -39.90 10.49 -41.72
N GLU A 397 -39.31 9.66 -42.58
CA GLU A 397 -38.61 8.48 -42.11
C GLU A 397 -37.35 8.90 -41.33
N ALA A 398 -37.09 8.17 -40.26
CA ALA A 398 -35.92 8.43 -39.45
C ALA A 398 -34.68 7.79 -40.07
N PRO A 399 -33.49 8.35 -39.80
CA PRO A 399 -32.27 7.75 -40.38
C PRO A 399 -31.88 6.43 -39.71
N ASN A 400 -32.55 6.02 -38.63
CA ASN A 400 -32.20 4.79 -37.93
C ASN A 400 -33.40 3.88 -37.67
N TYR A 401 -34.52 4.11 -38.33
CA TYR A 401 -35.70 3.27 -38.12
C TYR A 401 -36.53 3.34 -39.39
N LYS A 402 -36.68 2.21 -40.07
CA LYS A 402 -37.38 2.21 -41.35
C LYS A 402 -38.47 1.14 -41.40
N VAL A 403 -39.46 1.41 -42.27
CA VAL A 403 -40.71 0.67 -42.43
C VAL A 403 -41.14 -0.09 -41.19
N ALA B 24 35.55 -0.32 60.71
CA ALA B 24 35.78 -0.24 59.26
C ALA B 24 34.62 -0.86 58.46
N MET B 25 34.58 -0.54 57.16
CA MET B 25 33.71 -1.21 56.20
C MET B 25 33.81 -2.73 56.34
N LYS B 26 32.66 -3.40 56.35
CA LYS B 26 32.59 -4.84 56.55
C LYS B 26 32.25 -5.51 55.22
N ILE B 27 33.17 -6.33 54.71
CA ILE B 27 33.01 -7.02 53.43
C ILE B 27 32.71 -8.49 53.71
N VAL B 28 31.50 -8.92 53.39
CA VAL B 28 31.03 -10.23 53.82
C VAL B 28 31.73 -11.36 53.08
N LYS B 29 32.08 -11.12 51.81
CA LYS B 29 32.45 -12.19 50.89
C LYS B 29 32.92 -11.57 49.59
N ARG B 30 33.66 -12.36 48.81
CA ARG B 30 33.95 -12.03 47.42
C ARG B 30 33.01 -12.84 46.53
N ALA B 31 32.35 -12.18 45.59
CA ALA B 31 31.21 -12.77 44.88
C ALA B 31 31.50 -12.94 43.41
N LEU B 32 31.16 -14.12 42.88
CA LEU B 32 31.34 -14.45 41.47
C LEU B 32 30.03 -14.31 40.70
N THR B 33 30.16 -14.13 39.37
CA THR B 33 29.05 -14.26 38.44
C THR B 33 29.39 -15.34 37.40
N PHE B 34 28.51 -15.51 36.40
CA PHE B 34 28.61 -16.65 35.48
C PHE B 34 29.98 -16.72 34.82
N GLU B 35 30.48 -15.57 34.33
CA GLU B 35 31.70 -15.57 33.54
C GLU B 35 32.94 -15.88 34.37
N ASP B 36 32.83 -15.99 35.70
CA ASP B 36 33.97 -16.36 36.54
C ASP B 36 34.15 -17.87 36.72
N VAL B 37 33.20 -18.71 36.31
CA VAL B 37 33.27 -20.13 36.63
C VAL B 37 33.02 -20.96 35.37
N LEU B 38 33.43 -22.23 35.44
CA LEU B 38 33.05 -23.23 34.47
C LEU B 38 32.79 -24.55 35.19
N LEU B 39 31.93 -25.35 34.57
CA LEU B 39 31.73 -26.73 34.97
C LEU B 39 32.88 -27.60 34.48
N ARG B 40 33.37 -28.46 35.34
CA ARG B 40 34.33 -29.49 34.98
C ARG B 40 33.62 -30.71 34.37
N PRO B 41 34.15 -31.28 33.30
CA PRO B 41 33.57 -32.52 32.77
C PRO B 41 33.67 -33.63 33.79
N GLY B 42 32.75 -34.59 33.67
CA GLY B 42 32.81 -35.79 34.49
C GLY B 42 32.57 -37.05 33.66
N TYR B 43 32.86 -38.18 34.26
CA TYR B 43 32.58 -39.44 33.59
C TYR B 43 31.12 -39.49 33.17
N SER B 44 30.87 -39.90 31.92
CA SER B 44 29.53 -39.87 31.34
C SER B 44 29.15 -41.20 30.72
N GLU B 45 27.87 -41.57 30.92
CA GLU B 45 27.26 -42.71 30.24
C GLU B 45 25.95 -42.33 29.56
N VAL B 46 25.69 -41.03 29.41
CA VAL B 46 24.45 -40.56 28.83
C VAL B 46 24.77 -39.64 27.67
N LEU B 47 23.98 -39.69 26.66
CA LEU B 47 24.09 -38.79 25.54
C LEU B 47 23.19 -37.57 25.75
N PRO B 48 23.60 -36.41 25.27
CA PRO B 48 22.75 -35.22 25.37
C PRO B 48 21.30 -35.43 24.97
N LYS B 49 21.03 -36.32 24.00
CA LYS B 49 19.66 -36.57 23.57
C LYS B 49 18.86 -37.42 24.55
N GLU B 50 19.51 -38.10 25.51
CA GLU B 50 18.81 -38.98 26.44
C GLU B 50 18.58 -38.38 27.83
N VAL B 51 19.16 -37.22 28.16
CA VAL B 51 18.97 -36.70 29.50
C VAL B 51 17.55 -36.15 29.61
N LYS B 52 17.10 -35.90 30.84
CA LYS B 52 15.74 -35.47 31.12
C LYS B 52 15.82 -34.10 31.79
N ILE B 53 15.10 -33.13 31.27
CA ILE B 53 15.23 -31.76 31.76
C ILE B 53 13.94 -31.27 32.42
N HIS B 54 13.09 -32.21 32.87
CA HIS B 54 11.98 -31.89 33.77
C HIS B 54 12.52 -31.28 35.06
N THR B 55 11.74 -30.36 35.64
CA THR B 55 12.15 -29.72 36.88
C THR B 55 10.92 -29.19 37.60
N LYS B 56 11.16 -28.54 38.73
CA LYS B 56 10.09 -27.98 39.54
C LYS B 56 10.08 -26.46 39.40
N LEU B 57 8.88 -25.90 39.16
CA LEU B 57 8.69 -24.45 39.18
C LEU B 57 8.47 -23.93 40.60
N THR B 58 7.57 -24.57 41.34
CA THR B 58 7.29 -24.30 42.74
C THR B 58 7.23 -25.65 43.42
N LYS B 59 6.91 -25.62 44.73
CA LYS B 59 6.79 -26.86 45.49
C LYS B 59 5.82 -27.84 44.84
N ASN B 60 4.83 -27.35 44.10
CA ASN B 60 3.72 -28.16 43.60
C ASN B 60 3.56 -28.19 42.08
N ILE B 61 4.23 -27.30 41.35
CA ILE B 61 4.11 -27.20 39.90
C ILE B 61 5.42 -27.64 39.30
N THR B 62 5.38 -28.56 38.33
CA THR B 62 6.61 -28.99 37.66
C THR B 62 6.58 -28.60 36.18
N LEU B 63 7.67 -28.04 35.71
CA LEU B 63 7.91 -27.77 34.30
C LEU B 63 8.57 -28.97 33.63
N ASN B 64 8.35 -29.11 32.32
CA ASN B 64 9.05 -30.14 31.57
C ASN B 64 10.35 -29.66 30.95
N MET B 65 10.55 -28.35 30.95
CA MET B 65 11.80 -27.71 30.61
C MET B 65 11.96 -26.56 31.58
N PRO B 66 13.18 -26.11 31.86
CA PRO B 66 13.34 -25.15 32.96
C PRO B 66 13.39 -23.66 32.60
N LEU B 67 12.89 -23.23 31.44
CA LEU B 67 12.93 -21.82 31.06
C LEU B 67 11.61 -21.11 31.36
N ILE B 68 11.71 -19.88 31.85
CA ILE B 68 10.56 -19.02 32.09
C ILE B 68 10.81 -17.68 31.43
N SER B 69 9.79 -17.14 30.75
CA SER B 69 9.92 -15.85 30.10
C SER B 69 9.56 -14.72 31.06
N ALA B 70 10.40 -13.68 31.06
CA ALA B 70 10.26 -12.59 32.02
C ALA B 70 8.88 -11.93 31.93
N ALA B 71 8.43 -11.37 33.07
CA ALA B 71 7.16 -10.64 33.10
C ALA B 71 7.42 -9.20 32.70
N MET B 72 7.70 -9.02 31.41
CA MET B 72 7.98 -7.72 30.84
C MET B 72 7.12 -7.47 29.61
N ASP B 73 6.73 -6.19 29.46
CA ASP B 73 5.82 -5.80 28.39
C ASP B 73 6.48 -5.76 27.03
N THR B 74 7.77 -6.05 26.99
CA THR B 74 8.47 -6.15 25.73
C THR B 74 8.80 -7.62 25.48
N VAL B 75 8.45 -8.48 26.44
CA VAL B 75 8.73 -9.90 26.34
C VAL B 75 7.54 -10.87 26.39
N THR B 76 6.74 -10.82 27.45
CA THR B 76 5.63 -11.77 27.57
C THR B 76 4.20 -11.26 27.61
N GLU B 77 3.40 -11.88 26.76
CA GLU B 77 1.98 -11.61 26.60
C GLU B 77 1.43 -12.97 26.19
N HIS B 78 0.17 -13.05 25.76
CA HIS B 78 -0.40 -14.36 25.44
C HIS B 78 0.29 -15.21 24.35
N ARG B 79 0.73 -14.64 23.25
CA ARG B 79 1.40 -15.48 22.25
C ARG B 79 2.72 -16.05 22.78
N ALA B 80 3.57 -15.23 23.40
CA ALA B 80 4.79 -15.77 24.02
C ALA B 80 4.46 -16.83 25.07
N ALA B 81 3.49 -16.54 25.93
CA ALA B 81 3.19 -17.46 27.03
C ALA B 81 2.59 -18.77 26.54
N ILE B 82 1.85 -18.74 25.43
CA ILE B 82 1.33 -19.96 24.85
C ILE B 82 2.48 -20.84 24.35
N MET B 83 3.48 -20.25 23.69
CA MET B 83 4.61 -21.02 23.17
C MET B 83 5.46 -21.62 24.29
N MET B 84 5.81 -20.80 25.29
CA MET B 84 6.59 -21.29 26.42
C MET B 84 5.93 -22.52 27.05
N ALA B 85 4.61 -22.46 27.24
CA ALA B 85 3.88 -23.59 27.81
C ALA B 85 3.87 -24.78 26.87
N ARG B 86 3.78 -24.52 25.57
CA ARG B 86 3.77 -25.60 24.59
C ARG B 86 5.12 -26.29 24.51
N LEU B 87 6.19 -25.54 24.67
CA LEU B 87 7.52 -26.15 24.66
C LEU B 87 7.89 -26.76 26.00
N GLY B 88 7.01 -26.64 27.01
CA GLY B 88 7.20 -27.27 28.30
C GLY B 88 7.55 -26.34 29.43
N GLY B 89 7.68 -25.04 29.18
CA GLY B 89 8.00 -24.10 30.25
C GLY B 89 6.84 -23.25 30.72
N LEU B 90 7.08 -21.95 30.83
CA LEU B 90 6.09 -21.04 31.40
C LEU B 90 6.39 -19.61 30.97
N GLY B 91 5.33 -18.85 30.72
CA GLY B 91 5.42 -17.41 30.60
C GLY B 91 4.64 -16.73 31.70
N VAL B 92 5.13 -15.58 32.14
CA VAL B 92 4.46 -14.78 33.16
C VAL B 92 3.93 -13.51 32.51
N ILE B 93 2.60 -13.40 32.38
CA ILE B 93 1.99 -12.17 31.87
C ILE B 93 2.39 -10.99 32.76
N HIS B 94 2.98 -9.96 32.15
CA HIS B 94 3.39 -8.77 32.89
C HIS B 94 2.16 -8.00 33.42
N LYS B 95 2.43 -7.07 34.33
CA LYS B 95 1.38 -6.37 35.06
C LYS B 95 1.25 -4.90 34.65
N ASN B 96 1.95 -4.45 33.62
CA ASN B 96 1.85 -3.08 33.18
C ASN B 96 0.63 -2.92 32.27
N MET B 97 -0.55 -3.11 32.87
CA MET B 97 -1.84 -3.08 32.19
C MET B 97 -2.96 -3.25 33.21
N ASP B 98 -4.16 -2.77 32.91
CA ASP B 98 -5.28 -2.83 33.85
C ASP B 98 -5.60 -4.28 34.24
N ILE B 99 -6.47 -4.42 35.23
CA ILE B 99 -6.82 -5.77 35.67
C ILE B 99 -7.57 -6.51 34.58
N ALA B 100 -8.43 -5.81 33.84
CA ALA B 100 -9.24 -6.48 32.83
C ALA B 100 -8.38 -7.04 31.69
N SER B 101 -7.39 -6.27 31.20
CA SER B 101 -6.55 -6.77 30.11
C SER B 101 -5.70 -7.97 30.55
N GLN B 102 -5.22 -7.97 31.80
CA GLN B 102 -4.35 -9.06 32.22
C GLN B 102 -5.14 -10.35 32.39
N VAL B 103 -6.39 -10.24 32.85
CA VAL B 103 -7.31 -11.38 32.87
C VAL B 103 -7.52 -11.92 31.46
N ARG B 104 -7.78 -11.02 30.50
CA ARG B 104 -7.96 -11.46 29.12
C ARG B 104 -6.72 -12.17 28.58
N GLU B 105 -5.51 -11.74 28.97
CA GLU B 105 -4.33 -12.47 28.51
C GLU B 105 -4.29 -13.86 29.13
N VAL B 106 -4.54 -13.97 30.43
CA VAL B 106 -4.54 -15.27 31.08
C VAL B 106 -5.56 -16.20 30.44
N LYS B 107 -6.81 -15.73 30.28
CA LYS B 107 -7.84 -16.51 29.60
C LYS B 107 -7.38 -16.94 28.21
N ARG B 108 -6.77 -16.02 27.46
CA ARG B 108 -6.29 -16.37 26.12
C ARG B 108 -5.30 -17.52 26.16
N VAL B 109 -4.50 -17.61 27.21
CA VAL B 109 -3.54 -18.71 27.30
C VAL B 109 -4.26 -20.00 27.68
N LYS B 110 -5.19 -19.92 28.62
CA LYS B 110 -5.92 -21.09 29.07
C LYS B 110 -6.79 -21.74 28.00
N LYS B 111 -7.37 -20.91 27.14
CA LYS B 111 -8.31 -21.37 26.13
C LYS B 111 -7.63 -21.95 24.89
N SER B 112 -6.33 -21.76 24.76
CA SER B 112 -5.57 -22.17 23.58
C SER B 112 -5.79 -23.63 23.18
N LYS B 124 0.45 -33.97 20.55
CA LYS B 124 0.37 -33.59 19.13
C LYS B 124 1.76 -33.26 18.55
N GLU B 125 1.94 -31.99 18.20
CA GLU B 125 3.23 -31.43 17.80
C GLU B 125 3.95 -30.79 18.97
N TYR B 126 3.26 -30.66 20.11
CA TYR B 126 3.82 -30.13 21.35
C TYR B 126 3.67 -31.19 22.42
N PRO B 127 4.36 -32.32 22.28
CA PRO B 127 4.13 -33.46 23.18
C PRO B 127 4.63 -33.22 24.59
N ASP B 128 5.39 -32.13 24.80
CA ASP B 128 5.94 -31.80 26.11
C ASP B 128 5.24 -30.59 26.71
N ALA B 129 4.04 -30.28 26.23
CA ALA B 129 3.31 -29.11 26.70
C ALA B 129 3.09 -29.21 28.20
N ASN B 130 3.10 -28.04 28.85
CA ASN B 130 3.00 -27.93 30.31
C ASN B 130 1.56 -27.57 30.69
N LYS B 131 0.78 -28.58 31.03
CA LYS B 131 -0.66 -28.45 31.15
C LYS B 131 -1.09 -28.66 32.59
N ASP B 132 -2.25 -28.09 32.92
CA ASP B 132 -2.84 -28.29 34.22
C ASP B 132 -3.53 -29.65 34.27
N ASN B 133 -4.31 -29.88 35.32
CA ASN B 133 -5.03 -31.15 35.45
C ASN B 133 -6.21 -31.24 34.52
N PHE B 134 -6.57 -30.16 33.84
CA PHE B 134 -7.69 -30.13 32.91
C PHE B 134 -7.24 -30.13 31.45
N GLY B 135 -5.95 -30.36 31.19
CA GLY B 135 -5.40 -30.31 29.86
C GLY B 135 -5.23 -28.92 29.27
N ARG B 136 -5.35 -27.87 30.08
CA ARG B 136 -5.15 -26.48 29.67
C ARG B 136 -3.71 -26.05 29.93
N LEU B 137 -3.17 -25.18 29.08
CA LEU B 137 -1.79 -24.72 29.24
C LEU B 137 -1.64 -23.93 30.54
N ARG B 138 -0.49 -24.10 31.19
CA ARG B 138 -0.17 -23.38 32.40
C ARG B 138 0.29 -21.97 32.08
N VAL B 139 0.07 -21.03 33.00
CA VAL B 139 0.49 -19.64 32.82
C VAL B 139 0.60 -18.97 34.17
N GLY B 140 1.56 -18.05 34.28
CA GLY B 140 1.70 -17.21 35.45
C GLY B 140 1.36 -15.77 35.11
N ALA B 141 1.18 -14.98 36.16
CA ALA B 141 0.88 -13.57 35.96
C ALA B 141 1.55 -12.77 37.07
N ALA B 142 2.05 -11.60 36.72
CA ALA B 142 2.71 -10.78 37.72
C ALA B 142 1.70 -9.97 38.50
N ILE B 143 2.05 -9.66 39.76
CA ILE B 143 1.26 -8.79 40.62
C ILE B 143 2.23 -7.99 41.49
N GLY B 144 1.69 -7.00 42.19
CA GLY B 144 2.48 -6.14 43.04
C GLY B 144 1.91 -6.06 44.46
N VAL B 145 2.60 -5.33 45.31
CA VAL B 145 2.17 -5.17 46.68
C VAL B 145 0.85 -4.45 46.73
N GLY B 146 0.00 -4.86 47.68
CA GLY B 146 -1.30 -4.25 47.84
C GLY B 146 -2.18 -4.27 46.61
N GLN B 147 -2.20 -5.39 45.91
CA GLN B 147 -3.03 -5.49 44.71
C GLN B 147 -3.90 -6.74 44.81
N MET B 148 -4.72 -6.77 45.85
CA MET B 148 -5.63 -7.88 46.09
C MET B 148 -6.70 -8.00 45.01
N ASP B 149 -7.19 -6.88 44.54
CA ASP B 149 -8.23 -6.90 43.53
C ASP B 149 -7.73 -7.61 42.30
N ARG B 150 -6.50 -7.35 41.91
CA ARG B 150 -5.94 -8.00 40.74
C ARG B 150 -5.75 -9.50 40.99
N VAL B 151 -5.31 -9.88 42.20
CA VAL B 151 -5.21 -11.29 42.56
C VAL B 151 -6.57 -11.96 42.47
N ASP B 152 -7.59 -11.36 43.09
CA ASP B 152 -8.95 -11.90 43.00
C ASP B 152 -9.33 -12.13 41.54
N ALA B 153 -9.03 -11.17 40.67
CA ALA B 153 -9.41 -11.36 39.27
C ALA B 153 -8.56 -12.44 38.60
N LEU B 154 -7.25 -12.50 38.87
CA LEU B 154 -6.46 -13.53 38.21
C LEU B 154 -6.82 -14.92 38.70
N VAL B 155 -7.29 -15.05 39.94
CA VAL B 155 -7.69 -16.36 40.44
C VAL B 155 -8.99 -16.80 39.77
N GLU B 156 -9.90 -15.87 39.60
CA GLU B 156 -11.15 -16.15 38.92
C GLU B 156 -10.88 -16.60 37.49
N ALA B 157 -9.84 -16.05 36.87
CA ALA B 157 -9.47 -16.35 35.50
C ALA B 157 -8.72 -17.67 35.34
N GLY B 158 -8.34 -18.32 36.43
CA GLY B 158 -7.72 -19.62 36.35
C GLY B 158 -6.20 -19.66 36.30
N VAL B 159 -5.52 -18.60 36.75
CA VAL B 159 -4.07 -18.54 36.68
C VAL B 159 -3.45 -19.64 37.55
N ASP B 160 -2.32 -20.19 37.08
CA ASP B 160 -1.67 -21.31 37.76
C ASP B 160 -0.76 -20.84 38.90
N VAL B 161 -0.17 -19.67 38.75
CA VAL B 161 0.82 -19.18 39.70
C VAL B 161 0.87 -17.68 39.56
N VAL B 162 0.94 -17.00 40.69
CA VAL B 162 1.11 -15.56 40.70
C VAL B 162 2.54 -15.24 41.11
N VAL B 163 3.14 -14.29 40.41
CA VAL B 163 4.52 -13.89 40.62
C VAL B 163 4.48 -12.51 41.27
N LEU B 164 4.65 -12.49 42.58
CA LEU B 164 4.64 -11.25 43.34
C LEU B 164 6.01 -10.59 43.20
N ASP B 165 6.05 -9.42 42.56
CA ASP B 165 7.28 -8.80 42.10
C ASP B 165 7.54 -7.49 42.83
N SER B 166 8.76 -7.36 43.37
CA SER B 166 9.21 -6.08 43.88
C SER B 166 10.65 -5.86 43.47
N ALA B 167 11.06 -4.59 43.44
CA ALA B 167 12.48 -4.33 43.28
C ALA B 167 13.26 -4.85 44.46
N HIS B 168 12.61 -4.96 45.62
CA HIS B 168 13.24 -5.36 46.88
C HIS B 168 12.29 -6.37 47.54
N GLY B 169 12.46 -7.64 47.19
CA GLY B 169 11.61 -8.67 47.77
C GLY B 169 11.73 -8.80 49.28
N HIS B 170 12.86 -8.41 49.86
CA HIS B 170 13.12 -8.60 51.28
C HIS B 170 12.59 -7.43 52.13
N SER B 171 11.30 -7.14 52.03
CA SER B 171 10.76 -5.93 52.65
C SER B 171 9.49 -6.25 53.42
N LYS B 172 9.14 -5.39 54.37
CA LYS B 172 7.92 -5.59 55.13
C LYS B 172 6.72 -5.71 54.20
N GLY B 173 6.69 -4.90 53.14
CA GLY B 173 5.51 -4.84 52.30
C GLY B 173 5.29 -6.09 51.47
N ILE B 174 6.39 -6.73 51.04
CA ILE B 174 6.28 -8.01 50.34
C ILE B 174 5.80 -9.10 51.29
N ILE B 175 6.44 -9.21 52.47
CA ILE B 175 6.05 -10.20 53.46
C ILE B 175 4.57 -10.04 53.81
N ASP B 176 4.12 -8.80 54.04
CA ASP B 176 2.72 -8.58 54.40
C ASP B 176 1.78 -9.02 53.28
N THR B 177 2.17 -8.72 52.03
CA THR B 177 1.35 -9.14 50.90
C THR B 177 1.32 -10.66 50.78
N VAL B 178 2.44 -11.32 51.10
CA VAL B 178 2.52 -12.78 51.03
C VAL B 178 1.59 -13.40 52.06
N LYS B 179 1.63 -12.89 53.30
CA LYS B 179 0.75 -13.43 54.33
C LYS B 179 -0.72 -13.19 53.96
N ALA B 180 -1.03 -12.01 53.42
CA ALA B 180 -2.40 -11.70 53.05
C ALA B 180 -2.92 -12.63 51.96
N ILE B 181 -2.08 -12.93 50.95
CA ILE B 181 -2.50 -13.82 49.88
C ILE B 181 -2.68 -15.26 50.38
N LYS B 182 -1.71 -15.77 51.16
CA LYS B 182 -1.82 -17.16 51.63
C LYS B 182 -2.99 -17.33 52.59
N ALA B 183 -3.37 -16.27 53.31
CA ALA B 183 -4.56 -16.35 54.15
C ALA B 183 -5.81 -16.52 53.30
N LYS B 184 -5.87 -15.82 52.17
CA LYS B 184 -7.08 -15.82 51.35
C LYS B 184 -7.12 -16.99 50.38
N TYR B 185 -5.98 -17.33 49.76
CA TYR B 185 -5.88 -18.42 48.78
C TYR B 185 -4.73 -19.33 49.17
N PRO B 186 -4.93 -20.23 50.13
CA PRO B 186 -3.84 -21.10 50.57
C PRO B 186 -3.31 -22.01 49.48
N ASN B 187 -4.13 -22.34 48.48
CA ASN B 187 -3.73 -23.25 47.40
C ASN B 187 -3.25 -22.52 46.16
N LEU B 188 -3.18 -21.19 46.19
CA LEU B 188 -2.58 -20.42 45.11
C LEU B 188 -1.06 -20.49 45.24
N ASP B 189 -0.39 -20.99 44.20
CA ASP B 189 1.08 -21.03 44.19
C ASP B 189 1.63 -19.63 44.01
N LEU B 190 2.51 -19.20 44.92
CA LEU B 190 3.00 -17.83 44.98
C LEU B 190 4.52 -17.80 44.92
N ILE B 191 5.07 -17.22 43.84
CA ILE B 191 6.48 -16.87 43.73
C ILE B 191 6.66 -15.44 44.23
N ALA B 192 7.78 -15.16 44.88
CA ALA B 192 8.07 -13.83 45.42
C ALA B 192 9.53 -13.46 45.13
N GLY B 193 9.75 -12.20 44.76
CA GLY B 193 11.09 -11.70 44.55
C GLY B 193 11.05 -10.20 44.37
N ASN B 194 12.22 -9.59 44.20
CA ASN B 194 13.49 -10.32 44.14
C ASN B 194 14.39 -10.21 45.36
N ILE B 195 15.16 -11.26 45.60
CA ILE B 195 16.08 -11.34 46.72
C ILE B 195 17.46 -11.78 46.30
N ALA B 196 18.47 -11.35 47.04
CA ALA B 196 19.85 -11.73 46.75
C ALA B 196 20.64 -12.31 47.94
N THR B 197 20.00 -12.50 49.09
CA THR B 197 20.72 -12.99 50.26
C THR B 197 20.04 -14.14 50.99
N ALA B 198 20.81 -14.92 51.74
CA ALA B 198 20.25 -16.05 52.48
C ALA B 198 19.23 -15.60 53.53
N ALA B 199 19.43 -14.43 54.15
CA ALA B 199 18.43 -13.90 55.07
C ALA B 199 17.09 -13.69 54.39
N ALA B 200 17.09 -13.04 53.23
CA ALA B 200 15.85 -12.79 52.48
C ALA B 200 15.19 -14.09 52.06
N ALA B 201 15.99 -15.04 51.58
CA ALA B 201 15.44 -16.35 51.25
C ALA B 201 14.75 -16.97 52.46
N LYS B 202 15.37 -16.83 53.63
CA LYS B 202 14.76 -17.35 54.85
C LYS B 202 13.46 -16.62 55.18
N ALA B 203 13.45 -15.29 55.00
CA ALA B 203 12.30 -14.51 55.42
C ALA B 203 11.08 -14.86 54.57
N LEU B 204 11.29 -15.10 53.27
CA LEU B 204 10.19 -15.40 52.38
C LEU B 204 9.70 -16.84 52.53
N CYS B 205 10.58 -17.78 52.86
CA CYS B 205 10.16 -19.16 53.06
C CYS B 205 9.37 -19.27 54.34
N GLU B 206 9.74 -18.50 55.35
CA GLU B 206 9.02 -18.46 56.61
C GLU B 206 7.68 -17.77 56.49
N ALA B 207 7.44 -17.08 55.39
CA ALA B 207 6.15 -16.48 55.13
C ALA B 207 5.25 -17.41 54.32
N GLY B 208 5.81 -18.44 53.72
CA GLY B 208 5.04 -19.46 53.04
C GLY B 208 5.07 -19.47 51.52
N VAL B 209 6.05 -18.82 50.89
CA VAL B 209 6.09 -18.81 49.43
C VAL B 209 6.42 -20.20 48.91
N ASP B 210 5.98 -20.48 47.69
CA ASP B 210 6.31 -21.74 47.03
C ASP B 210 7.56 -21.64 46.16
N ALA B 211 8.11 -20.44 45.94
CA ALA B 211 9.38 -20.29 45.25
C ALA B 211 9.88 -18.87 45.44
N VAL B 212 11.20 -18.71 45.43
CA VAL B 212 11.83 -17.40 45.54
C VAL B 212 12.56 -17.11 44.23
N LYS B 213 12.52 -15.85 43.82
CA LYS B 213 13.14 -15.41 42.58
C LYS B 213 14.36 -14.57 42.94
N VAL B 214 15.51 -14.95 42.41
CA VAL B 214 16.80 -14.40 42.81
C VAL B 214 17.35 -13.57 41.66
N GLY B 215 17.65 -12.30 41.95
CA GLY B 215 18.20 -11.37 40.99
C GLY B 215 17.99 -9.93 41.42
N ILE B 216 19.02 -9.29 41.94
CA ILE B 216 19.00 -7.84 42.22
C ILE B 216 20.14 -7.24 41.41
N GLY B 217 19.82 -6.74 40.22
CA GLY B 217 20.81 -6.07 39.42
C GLY B 217 21.40 -6.76 38.19
N PRO B 218 21.27 -8.09 38.02
CA PRO B 218 22.00 -8.72 36.89
C PRO B 218 21.35 -8.51 35.54
N GLY B 219 20.13 -7.98 35.49
CA GLY B 219 19.44 -7.88 34.21
C GLY B 219 20.18 -7.04 33.20
N SER B 220 19.99 -7.38 31.92
CA SER B 220 20.62 -6.64 30.84
C SER B 220 20.15 -5.18 30.78
N ILE B 221 18.87 -4.92 30.97
CA ILE B 221 18.32 -3.58 30.86
C ILE B 221 18.38 -2.88 32.21
N CYS B 222 18.92 -3.56 33.21
CA CYS B 222 18.88 -3.09 34.58
C CYS B 222 20.02 -2.14 34.88
N THR B 223 19.73 -1.11 35.67
CA THR B 223 20.73 -0.17 36.17
C THR B 223 20.75 -0.07 37.69
N THR B 224 20.00 -0.94 38.37
CA THR B 224 19.94 -0.90 39.83
C THR B 224 21.32 -0.76 40.47
N ARG B 225 22.23 -1.69 40.17
CA ARG B 225 23.55 -1.70 40.80
C ARG B 225 24.32 -0.41 40.56
N ILE B 226 24.11 0.24 39.41
CA ILE B 226 24.88 1.46 39.15
C ILE B 226 24.22 2.66 39.81
N VAL B 227 22.89 2.67 39.89
CA VAL B 227 22.15 3.83 40.38
C VAL B 227 22.13 3.85 41.91
N SER B 228 22.04 2.69 42.54
CA SER B 228 21.97 2.62 43.99
C SER B 228 23.19 1.96 44.62
N GLY B 229 24.06 1.31 43.85
CA GLY B 229 25.18 0.59 44.43
C GLY B 229 24.84 -0.73 45.10
N VAL B 230 23.65 -1.27 44.89
CA VAL B 230 23.17 -2.46 45.60
C VAL B 230 23.06 -3.63 44.64
N GLY B 231 23.42 -4.82 45.10
CA GLY B 231 23.24 -6.00 44.29
C GLY B 231 24.23 -7.07 44.68
N VAL B 232 23.98 -8.28 44.21
CA VAL B 232 24.89 -9.40 44.43
C VAL B 232 25.12 -10.13 43.11
N PRO B 233 26.37 -10.30 42.67
CA PRO B 233 26.63 -11.02 41.41
C PRO B 233 25.91 -12.37 41.41
N GLN B 234 25.37 -12.73 40.23
CA GLN B 234 24.22 -13.62 40.22
C GLN B 234 24.58 -15.07 40.54
N ILE B 235 25.78 -15.54 40.19
CA ILE B 235 26.13 -16.91 40.58
C ILE B 235 26.26 -17.02 42.12
N SER B 236 26.77 -15.98 42.79
CA SER B 236 26.89 -16.02 44.23
C SER B 236 25.53 -15.85 44.90
N ALA B 237 24.68 -14.99 44.32
CA ALA B 237 23.34 -14.80 44.88
C ALA B 237 22.55 -16.09 44.84
N ILE B 238 22.58 -16.78 43.69
CA ILE B 238 21.87 -18.06 43.58
C ILE B 238 22.41 -19.05 44.60
N ASP B 239 23.72 -19.03 44.85
CA ASP B 239 24.30 -20.07 45.68
C ASP B 239 23.91 -19.91 47.13
N GLU B 240 24.03 -18.71 47.69
CA GLU B 240 23.66 -18.57 49.08
C GLU B 240 22.14 -18.70 49.26
N CYS B 241 21.36 -18.34 48.24
CA CYS B 241 19.90 -18.49 48.36
C CYS B 241 19.47 -19.95 48.20
N VAL B 242 20.11 -20.71 47.31
CA VAL B 242 19.72 -22.12 47.14
C VAL B 242 20.02 -22.89 48.41
N GLU B 243 21.18 -22.65 48.99
CA GLU B 243 21.54 -23.28 50.25
C GLU B 243 20.50 -23.01 51.34
N GLU B 244 19.98 -21.79 51.40
CA GLU B 244 19.02 -21.49 52.47
C GLU B 244 17.64 -22.06 52.17
N ALA B 245 17.16 -21.89 50.92
CA ALA B 245 15.81 -22.33 50.60
C ALA B 245 15.68 -23.85 50.49
N ASN B 246 16.80 -24.56 50.30
CA ASN B 246 16.76 -26.01 50.31
C ASN B 246 16.29 -26.54 51.67
N LYS B 247 16.71 -25.88 52.75
CA LYS B 247 16.21 -26.18 54.09
C LYS B 247 14.69 -26.19 54.20
N PHE B 248 13.98 -25.50 53.29
CA PHE B 248 12.52 -25.42 53.30
C PHE B 248 11.87 -26.16 52.14
N GLY B 249 12.64 -26.84 51.30
CA GLY B 249 12.09 -27.44 50.08
C GLY B 249 11.50 -26.46 49.08
N VAL B 250 12.06 -25.26 48.99
CA VAL B 250 11.53 -24.17 48.17
C VAL B 250 12.44 -23.97 46.96
N PRO B 251 11.92 -24.10 45.74
CA PRO B 251 12.75 -23.89 44.54
C PRO B 251 13.21 -22.45 44.37
N VAL B 252 14.39 -22.31 43.76
CA VAL B 252 14.98 -21.01 43.45
C VAL B 252 14.92 -20.79 41.93
N ILE B 253 14.22 -19.74 41.51
CA ILE B 253 14.25 -19.29 40.12
C ILE B 253 15.35 -18.24 39.96
N ALA B 254 16.29 -18.50 39.06
CA ALA B 254 17.36 -17.56 38.76
C ALA B 254 16.87 -16.60 37.69
N ASP B 255 16.77 -15.32 38.04
CA ASP B 255 16.12 -14.32 37.20
C ASP B 255 17.14 -13.29 36.74
N GLY B 256 17.36 -13.21 35.43
CA GLY B 256 18.19 -12.13 34.90
C GLY B 256 19.66 -12.50 34.76
N GLY B 257 20.29 -11.91 33.75
CA GLY B 257 21.72 -12.07 33.54
C GLY B 257 22.13 -13.15 32.58
N ILE B 258 21.20 -14.02 32.17
CA ILE B 258 21.51 -15.07 31.20
C ILE B 258 21.78 -14.45 29.83
N LYS B 259 23.00 -14.66 29.30
CA LYS B 259 23.40 -14.23 27.96
C LYS B 259 23.53 -15.38 26.96
N TYR B 260 24.04 -16.54 27.40
CA TYR B 260 24.27 -17.69 26.54
C TYR B 260 23.68 -18.91 27.22
N SER B 261 23.47 -19.96 26.42
CA SER B 261 22.92 -21.21 26.96
C SER B 261 23.78 -21.75 28.09
N GLY B 262 25.12 -21.58 28.00
CA GLY B 262 26.00 -22.05 29.05
C GLY B 262 25.67 -21.47 30.41
N ASP B 263 25.15 -20.23 30.43
CA ASP B 263 24.75 -19.60 31.69
C ASP B 263 23.58 -20.32 32.31
N ILE B 264 22.68 -20.87 31.49
CA ILE B 264 21.57 -21.63 32.05
C ILE B 264 22.11 -22.86 32.75
N ALA B 265 23.07 -23.53 32.11
CA ALA B 265 23.66 -24.71 32.71
C ALA B 265 24.29 -24.40 34.07
N LYS B 266 25.01 -23.30 34.20
CA LYS B 266 25.66 -23.03 35.48
C LYS B 266 24.64 -22.71 36.56
N ALA B 267 23.63 -21.89 36.24
CA ALA B 267 22.60 -21.55 37.22
C ALA B 267 21.92 -22.80 37.78
N LEU B 268 21.48 -23.72 36.91
CA LEU B 268 20.85 -24.94 37.39
C LEU B 268 21.83 -25.84 38.12
N ALA B 269 23.09 -25.91 37.64
CA ALA B 269 24.04 -26.78 38.30
C ALA B 269 24.39 -26.29 39.71
N VAL B 270 24.42 -24.97 39.93
CA VAL B 270 24.62 -24.42 41.26
C VAL B 270 23.43 -24.72 42.17
N GLY B 271 22.28 -25.01 41.59
CA GLY B 271 21.18 -25.49 42.42
C GLY B 271 19.87 -24.78 42.16
N ALA B 272 19.87 -23.82 41.25
CA ALA B 272 18.61 -23.18 40.91
C ALA B 272 17.74 -24.21 40.19
N SER B 273 16.43 -24.06 40.34
CA SER B 273 15.51 -25.03 39.79
C SER B 273 14.98 -24.64 38.42
N SER B 274 14.97 -23.35 38.10
CA SER B 274 14.65 -22.91 36.76
C SER B 274 15.20 -21.49 36.61
N VAL B 275 14.97 -20.93 35.42
CA VAL B 275 15.67 -19.75 34.97
C VAL B 275 14.69 -18.86 34.23
N MET B 276 14.68 -17.57 34.57
CA MET B 276 13.85 -16.59 33.87
C MET B 276 14.71 -15.80 32.89
N ILE B 277 14.19 -15.62 31.67
CA ILE B 277 14.93 -15.13 30.52
C ILE B 277 14.23 -13.88 29.99
N GLY B 278 14.95 -12.76 29.94
CA GLY B 278 14.39 -11.55 29.38
C GLY B 278 14.89 -11.23 27.99
N SER B 279 16.15 -10.79 27.89
CA SER B 279 16.66 -10.26 26.62
C SER B 279 16.74 -11.34 25.54
N LEU B 280 16.95 -12.61 25.90
CA LEU B 280 17.12 -13.66 24.88
C LEU B 280 15.81 -14.03 24.19
N LEU B 281 14.66 -13.63 24.72
CA LEU B 281 13.37 -13.81 24.05
C LEU B 281 12.73 -12.53 23.56
N ALA B 282 13.26 -11.35 23.92
CA ALA B 282 12.63 -10.10 23.53
C ALA B 282 12.68 -9.84 22.04
N GLY B 283 13.43 -10.65 21.29
CA GLY B 283 13.59 -10.41 19.87
C GLY B 283 12.92 -11.47 19.03
N THR B 284 11.95 -12.15 19.61
CA THR B 284 11.24 -13.22 18.92
C THR B 284 9.97 -12.72 18.24
N ASP B 285 9.44 -13.55 17.35
CA ASP B 285 8.15 -13.29 16.72
C ASP B 285 7.07 -13.00 17.76
N GLU B 286 6.94 -13.87 18.75
CA GLU B 286 5.79 -13.86 19.65
C GLU B 286 5.84 -12.73 20.68
N SER B 287 7.01 -12.15 20.92
CA SER B 287 7.09 -11.11 21.92
C SER B 287 6.34 -9.87 21.42
N PRO B 288 5.82 -9.04 22.34
CA PRO B 288 5.15 -7.80 21.91
C PRO B 288 6.12 -6.84 21.24
N GLY B 289 5.58 -5.99 20.39
CA GLY B 289 6.38 -5.08 19.60
C GLY B 289 6.45 -5.51 18.15
N GLU B 290 6.73 -4.55 17.28
CA GLU B 290 6.89 -4.84 15.87
C GLU B 290 8.37 -4.77 15.50
N LEU B 291 8.75 -5.53 14.49
CA LEU B 291 10.09 -5.42 13.95
C LEU B 291 10.28 -4.07 13.30
N PHE B 292 11.51 -3.61 13.31
CA PHE B 292 11.93 -2.53 12.43
C PHE B 292 13.34 -2.85 11.97
N THR B 293 13.79 -2.09 10.99
CA THR B 293 15.11 -2.23 10.42
C THR B 293 15.82 -0.91 10.60
N TYR B 294 17.06 -0.98 11.04
CA TYR B 294 17.86 0.21 11.32
C TYR B 294 19.26 -0.08 10.83
N GLN B 295 19.65 0.56 9.73
CA GLN B 295 20.96 0.36 9.10
C GLN B 295 21.22 -1.11 8.77
N GLY B 296 20.27 -1.72 8.05
CA GLY B 296 20.45 -3.08 7.56
C GLY B 296 20.11 -4.19 8.54
N ARG B 297 19.87 -3.89 9.81
CA ARG B 297 19.62 -4.93 10.81
C ARG B 297 18.19 -4.84 11.33
N GLN B 298 17.64 -6.01 11.66
CA GLN B 298 16.31 -6.08 12.26
C GLN B 298 16.38 -6.13 13.78
N TYR B 299 15.44 -5.46 14.43
CA TYR B 299 15.36 -5.37 15.88
C TYR B 299 13.93 -5.44 16.34
N LYS B 300 13.76 -5.61 17.66
CA LYS B 300 12.54 -5.26 18.38
C LYS B 300 12.95 -4.49 19.64
N SER B 301 12.03 -3.65 20.13
CA SER B 301 12.29 -2.93 21.37
C SER B 301 12.35 -3.89 22.55
N TYR B 302 13.20 -3.54 23.51
CA TYR B 302 13.32 -4.23 24.80
C TYR B 302 13.60 -3.15 25.85
N ARG B 303 12.80 -3.10 26.91
CA ARG B 303 12.96 -2.05 27.89
C ARG B 303 12.70 -2.62 29.28
N GLY B 304 13.43 -2.11 30.25
CA GLY B 304 13.20 -2.53 31.62
C GLY B 304 11.91 -1.92 32.16
N MET B 305 11.31 -2.62 33.12
CA MET B 305 10.08 -2.13 33.72
C MET B 305 10.29 -0.96 34.67
N GLY B 306 11.54 -0.66 35.02
CA GLY B 306 11.86 0.51 35.81
C GLY B 306 12.53 1.57 34.97
N SER B 307 12.25 1.56 33.67
CA SER B 307 12.71 2.57 32.74
C SER B 307 11.61 3.58 32.48
N LEU B 308 12.00 4.83 32.20
CA LEU B 308 11.03 5.91 32.07
C LEU B 308 9.90 5.53 31.11
N GLY B 309 10.24 4.89 29.99
CA GLY B 309 9.20 4.49 29.05
C GLY B 309 8.16 3.59 29.69
N ALA B 310 8.62 2.55 30.39
CA ALA B 310 7.67 1.59 30.96
C ALA B 310 6.83 2.22 32.06
N MET B 311 7.38 3.19 32.77
CA MET B 311 6.69 3.75 33.92
C MET B 311 5.70 4.85 33.53
N GLN B 312 5.86 5.45 32.36
CA GLN B 312 4.92 6.47 31.89
C GLN B 312 3.67 5.84 31.29
N LYS B 313 3.81 4.67 30.67
CA LYS B 313 2.67 3.86 30.25
C LYS B 313 1.82 3.46 31.45
N LYS B 328 10.25 14.59 39.20
CA LYS B 328 10.41 13.55 38.18
C LYS B 328 10.86 12.21 38.75
N LEU B 329 10.85 11.18 37.89
CA LEU B 329 11.11 9.81 38.31
C LEU B 329 12.58 9.46 38.19
N VAL B 330 13.06 8.60 39.09
CA VAL B 330 14.45 8.11 39.07
C VAL B 330 14.44 6.66 38.61
N PRO B 331 14.77 6.40 37.36
CA PRO B 331 14.60 5.05 36.80
C PRO B 331 15.69 4.10 37.27
N GLU B 332 15.39 2.81 37.12
CA GLU B 332 16.36 1.77 37.44
C GLU B 332 16.52 0.78 36.28
N GLY B 333 16.27 1.26 35.06
CA GLY B 333 16.45 0.51 33.84
C GLY B 333 16.44 1.43 32.64
N ILE B 334 16.76 0.87 31.48
CA ILE B 334 16.87 1.64 30.26
C ILE B 334 15.86 1.11 29.22
N GLU B 335 15.80 1.82 28.10
CA GLU B 335 14.98 1.46 26.96
C GLU B 335 15.94 1.12 25.83
N GLY B 336 15.74 -0.03 25.19
CA GLY B 336 16.65 -0.46 24.15
C GLY B 336 16.10 -1.35 23.05
N ARG B 337 16.98 -1.73 22.13
CA ARG B 337 16.65 -2.60 21.02
C ARG B 337 17.55 -3.84 21.01
N VAL B 338 17.01 -4.98 20.62
CA VAL B 338 17.76 -6.22 20.54
C VAL B 338 17.55 -6.81 19.17
N PRO B 339 18.50 -7.58 18.68
CA PRO B 339 18.33 -8.15 17.33
C PRO B 339 17.14 -9.10 17.23
N TYR B 340 16.46 -9.05 16.09
CA TYR B 340 15.44 -10.04 15.76
C TYR B 340 16.07 -11.42 15.58
N VAL B 341 15.55 -12.42 16.27
CA VAL B 341 16.12 -13.76 16.27
C VAL B 341 15.18 -14.82 15.71
N GLY B 342 13.94 -14.48 15.39
CA GLY B 342 13.04 -15.46 14.80
C GLY B 342 12.07 -16.02 15.81
N SER B 343 11.77 -17.32 15.72
CA SER B 343 10.72 -17.87 16.56
C SER B 343 11.24 -18.21 17.94
N ILE B 344 10.34 -18.16 18.92
CA ILE B 344 10.65 -18.62 20.27
C ILE B 344 11.15 -20.06 20.22
N ARG B 345 10.43 -20.93 19.49
CA ARG B 345 10.78 -22.34 19.56
C ARG B 345 12.17 -22.60 18.96
N SER B 346 12.65 -21.75 18.06
CA SER B 346 14.01 -21.95 17.58
C SER B 346 15.04 -21.47 18.60
N VAL B 347 14.79 -20.32 19.25
CA VAL B 347 15.64 -19.87 20.35
C VAL B 347 15.68 -20.91 21.45
N VAL B 348 14.50 -21.29 21.93
CA VAL B 348 14.37 -22.32 22.97
C VAL B 348 15.06 -23.62 22.59
N HIS B 349 15.08 -23.96 21.30
CA HIS B 349 15.73 -25.20 20.89
C HIS B 349 17.24 -25.13 21.05
N GLN B 350 17.84 -23.97 20.74
CA GLN B 350 19.29 -23.83 20.90
C GLN B 350 19.65 -23.76 22.37
N LEU B 351 18.83 -23.09 23.19
CA LEU B 351 19.16 -22.98 24.61
C LEU B 351 19.09 -24.34 25.28
N LEU B 352 18.00 -25.08 25.07
CA LEU B 352 17.92 -26.42 25.64
C LEU B 352 19.00 -27.32 25.06
N GLY B 353 19.46 -27.05 23.84
CA GLY B 353 20.55 -27.85 23.28
C GLY B 353 21.87 -27.66 24.01
N GLY B 354 22.15 -26.44 24.46
CA GLY B 354 23.33 -26.22 25.28
C GLY B 354 23.17 -26.83 26.67
N LEU B 355 21.99 -26.67 27.27
CA LEU B 355 21.73 -27.31 28.55
C LEU B 355 21.96 -28.82 28.46
N ARG B 356 21.48 -29.46 27.39
CA ARG B 356 21.66 -30.90 27.24
C ARG B 356 23.12 -31.25 26.97
N SER B 357 23.79 -30.48 26.11
CA SER B 357 25.22 -30.66 25.94
C SER B 357 25.92 -30.60 27.30
N SER B 358 25.53 -29.64 28.14
CA SER B 358 26.12 -29.51 29.46
C SER B 358 25.99 -30.80 30.27
N MET B 359 24.77 -31.32 30.42
CA MET B 359 24.60 -32.49 31.29
C MET B 359 25.31 -33.71 30.73
N GLY B 360 25.47 -33.80 29.41
CA GLY B 360 26.24 -34.88 28.84
C GLY B 360 27.70 -34.84 29.23
N TYR B 361 28.32 -33.66 29.16
CA TYR B 361 29.70 -33.51 29.63
C TYR B 361 29.83 -33.94 31.10
N VAL B 362 28.96 -33.39 31.96
CA VAL B 362 29.00 -33.69 33.39
C VAL B 362 28.57 -35.12 33.70
N GLY B 363 27.86 -35.77 32.79
CA GLY B 363 27.44 -37.16 32.99
C GLY B 363 26.16 -37.32 33.79
N ALA B 364 25.31 -36.30 33.83
CA ALA B 364 24.06 -36.32 34.57
C ALA B 364 22.92 -36.81 33.70
N LYS B 365 21.96 -37.49 34.32
CA LYS B 365 20.78 -38.00 33.63
C LYS B 365 19.52 -37.18 33.90
N ASP B 366 19.55 -36.26 34.86
CA ASP B 366 18.47 -35.31 35.11
C ASP B 366 19.02 -34.14 35.93
N ILE B 367 18.17 -33.15 36.21
CA ILE B 367 18.66 -31.93 36.86
C ILE B 367 19.15 -32.24 38.26
N GLU B 368 18.38 -33.04 39.01
CA GLU B 368 18.80 -33.40 40.37
C GLU B 368 20.19 -34.01 40.37
N ASP B 369 20.45 -34.90 39.41
CA ASP B 369 21.76 -35.54 39.30
C ASP B 369 22.83 -34.53 38.89
N PHE B 370 22.52 -33.70 37.90
CA PHE B 370 23.35 -32.58 37.48
C PHE B 370 23.88 -31.76 38.66
N GLN B 371 22.99 -31.39 39.59
CA GLN B 371 23.42 -30.59 40.73
C GLN B 371 24.23 -31.41 41.73
N LYS B 372 23.96 -32.72 41.83
CA LYS B 372 24.74 -33.52 42.76
C LYS B 372 26.16 -33.73 42.27
N ARG B 373 26.37 -33.81 40.95
CA ARG B 373 27.71 -34.04 40.40
C ARG B 373 28.48 -32.77 40.09
N ALA B 374 27.79 -31.64 39.89
CA ALA B 374 28.43 -30.41 39.41
C ALA B 374 29.67 -30.05 40.22
N GLU B 375 30.73 -29.70 39.50
CA GLU B 375 31.96 -29.23 40.12
C GLU B 375 32.58 -28.15 39.25
N PHE B 376 32.91 -27.02 39.85
CA PHE B 376 33.32 -25.84 39.11
C PHE B 376 34.81 -25.57 39.27
N VAL B 377 35.36 -24.83 38.32
CA VAL B 377 36.61 -24.10 38.53
C VAL B 377 36.30 -22.62 38.41
N GLU B 378 37.10 -21.81 39.11
CA GLU B 378 37.10 -20.37 38.93
C GLU B 378 38.14 -20.02 37.86
N ILE B 379 37.81 -19.07 36.99
CA ILE B 379 38.72 -18.72 35.91
C ILE B 379 39.10 -17.24 35.98
N THR B 380 40.16 -16.90 35.25
CA THR B 380 40.66 -15.55 35.14
C THR B 380 40.12 -14.90 33.86
N THR B 381 40.43 -13.61 33.71
CA THR B 381 39.97 -12.91 32.51
C THR B 381 40.54 -13.54 31.24
N ALA B 382 41.82 -13.91 31.26
CA ALA B 382 42.40 -14.60 30.11
C ALA B 382 41.64 -15.88 29.78
N GLY B 383 41.20 -16.61 30.81
CA GLY B 383 40.47 -17.84 30.57
C GLY B 383 39.12 -17.61 29.93
N LEU B 384 38.51 -16.46 30.21
CA LEU B 384 37.28 -16.07 29.51
C LEU B 384 37.54 -15.79 28.03
N LYS B 385 38.57 -15.00 27.74
CA LYS B 385 38.98 -14.76 26.36
C LYS B 385 39.28 -16.06 25.63
N GLU B 386 39.86 -17.04 26.33
CA GLU B 386 40.11 -18.34 25.69
C GLU B 386 38.81 -19.09 25.43
N SER B 387 37.82 -18.91 26.32
CA SER B 387 36.55 -19.61 26.16
C SER B 387 35.75 -19.06 25.00
N HIS B 388 35.78 -17.75 24.81
CA HIS B 388 35.11 -17.21 23.64
C HIS B 388 35.91 -17.59 22.40
N VAL B 389 35.29 -17.37 21.24
CA VAL B 389 36.04 -17.43 20.00
C VAL B 389 37.16 -16.38 20.06
N HIS B 390 38.30 -16.68 19.45
CA HIS B 390 39.47 -15.80 19.51
C HIS B 390 40.40 -16.12 18.36
N ASP B 391 41.06 -15.09 17.83
CA ASP B 391 42.09 -15.17 16.79
C ASP B 391 41.57 -15.65 15.44
N VAL B 392 40.28 -15.81 15.28
CA VAL B 392 39.66 -16.11 14.00
C VAL B 392 38.50 -15.13 13.84
N THR B 393 38.29 -14.64 12.62
CA THR B 393 37.15 -13.75 12.36
C THR B 393 35.96 -14.58 11.88
N ILE B 394 34.84 -14.45 12.58
CA ILE B 394 33.64 -15.19 12.22
C ILE B 394 33.09 -14.68 10.89
N THR B 395 32.77 -15.60 9.99
CA THR B 395 32.17 -15.27 8.70
C THR B 395 30.73 -15.74 8.54
N HIS B 396 30.31 -16.76 9.26
CA HIS B 396 28.90 -17.16 9.31
C HIS B 396 28.50 -17.19 10.77
N GLU B 397 27.48 -16.43 11.14
CA GLU B 397 27.07 -16.36 12.53
C GLU B 397 26.39 -17.67 12.94
N ALA B 398 26.81 -18.22 14.06
CA ALA B 398 26.22 -19.45 14.55
C ALA B 398 24.86 -19.17 15.20
N PRO B 399 23.95 -20.15 15.19
CA PRO B 399 22.64 -19.91 15.80
C PRO B 399 22.69 -19.79 17.32
N ASN B 400 23.76 -20.25 17.97
CA ASN B 400 23.81 -20.21 19.42
C ASN B 400 24.98 -19.39 19.96
N TYR B 401 25.55 -18.50 19.15
CA TYR B 401 26.72 -17.70 19.57
C TYR B 401 26.72 -16.42 18.75
N LYS B 402 26.65 -15.27 19.43
CA LYS B 402 26.64 -13.94 18.80
C LYS B 402 27.84 -13.11 19.26
N VAL B 403 28.09 -12.04 18.51
CA VAL B 403 29.19 -11.11 18.79
C VAL B 403 28.73 -9.66 18.60
N ALA C 24 14.74 9.20 -29.71
CA ALA C 24 13.33 9.56 -29.86
C ALA C 24 12.68 10.07 -28.57
N MET C 25 13.33 9.85 -27.43
CA MET C 25 12.79 10.31 -26.15
C MET C 25 12.79 11.85 -26.10
N LYS C 26 11.91 12.39 -25.25
CA LYS C 26 11.62 13.81 -25.21
C LYS C 26 12.19 14.39 -23.92
N ILE C 27 13.33 15.07 -24.04
CA ILE C 27 13.90 15.87 -22.95
C ILE C 27 13.53 17.32 -23.19
N VAL C 28 12.94 17.95 -22.19
CA VAL C 28 12.33 19.27 -22.32
C VAL C 28 13.31 20.38 -21.92
N LYS C 29 13.96 20.27 -20.77
CA LYS C 29 14.95 21.27 -20.37
C LYS C 29 15.97 20.65 -19.42
N ARG C 30 17.02 21.44 -19.15
CA ARG C 30 17.96 21.13 -18.07
C ARG C 30 17.48 21.87 -16.82
N ALA C 31 17.32 21.14 -15.73
CA ALA C 31 16.63 21.65 -14.54
C ALA C 31 17.61 21.84 -13.40
N LEU C 32 17.58 23.03 -12.80
CA LEU C 32 18.48 23.38 -11.73
C LEU C 32 17.76 23.35 -10.39
N THR C 33 18.49 23.05 -9.33
CA THR C 33 17.95 23.22 -7.99
C THR C 33 18.79 24.21 -7.20
N PHE C 34 18.40 24.41 -5.94
CA PHE C 34 18.92 25.51 -5.12
C PHE C 34 20.44 25.56 -5.16
N GLU C 35 21.11 24.42 -4.98
CA GLU C 35 22.56 24.45 -4.84
C GLU C 35 23.26 24.74 -6.16
N ASP C 36 22.53 24.75 -7.27
CA ASP C 36 23.08 25.04 -8.58
C ASP C 36 23.27 26.53 -8.86
N VAL C 37 22.71 27.42 -8.03
CA VAL C 37 22.63 28.84 -8.39
C VAL C 37 23.06 29.69 -7.20
N LEU C 38 23.54 30.89 -7.52
CA LEU C 38 23.80 31.91 -6.52
C LEU C 38 23.30 33.25 -7.03
N LEU C 39 23.02 34.13 -6.07
CA LEU C 39 22.58 35.49 -6.34
C LEU C 39 23.80 36.40 -6.47
N ARG C 40 23.81 37.22 -7.51
CA ARG C 40 24.82 38.25 -7.64
C ARG C 40 24.51 39.42 -6.71
N PRO C 41 25.52 39.98 -6.06
CA PRO C 41 25.29 41.21 -5.27
C PRO C 41 25.11 42.42 -6.17
N GLY C 42 24.18 43.30 -5.78
CA GLY C 42 23.89 44.51 -6.53
C GLY C 42 24.23 45.75 -5.72
N TYR C 43 24.19 46.91 -6.38
CA TYR C 43 24.34 48.15 -5.63
C TYR C 43 23.21 48.25 -4.60
N SER C 44 23.55 48.75 -3.42
CA SER C 44 22.63 48.70 -2.29
C SER C 44 22.79 49.94 -1.43
N GLU C 45 21.65 50.54 -1.07
CA GLU C 45 21.62 51.59 -0.07
C GLU C 45 20.79 51.18 1.14
N VAL C 46 20.33 49.94 1.19
CA VAL C 46 19.56 49.43 2.31
C VAL C 46 20.45 48.57 3.19
N LEU C 47 20.21 48.61 4.47
CA LEU C 47 20.88 47.68 5.36
C LEU C 47 19.93 46.57 5.76
N PRO C 48 20.43 45.36 6.02
CA PRO C 48 19.53 44.23 6.33
C PRO C 48 18.52 44.50 7.44
N LYS C 49 18.91 45.27 8.46
CA LYS C 49 17.97 45.56 9.54
C LYS C 49 16.80 46.41 9.06
N GLU C 50 16.93 47.10 7.93
CA GLU C 50 15.93 48.04 7.43
C GLU C 50 14.99 47.46 6.38
N VAL C 51 15.33 46.31 5.77
CA VAL C 51 14.50 45.81 4.68
C VAL C 51 13.19 45.28 5.23
N LYS C 52 12.14 45.40 4.43
CA LYS C 52 10.81 44.97 4.81
C LYS C 52 10.47 43.64 4.12
N ILE C 53 9.96 42.69 4.90
CA ILE C 53 9.85 41.32 4.42
C ILE C 53 8.42 40.80 4.44
N HIS C 54 7.44 41.70 4.51
N HIS C 54 7.44 41.70 4.51
CA HIS C 54 6.04 41.31 4.35
CA HIS C 54 6.04 41.30 4.35
C HIS C 54 5.81 40.77 2.94
C HIS C 54 5.82 40.75 2.94
N THR C 55 4.80 39.89 2.82
CA THR C 55 4.52 39.22 1.55
C THR C 55 3.06 38.73 1.50
N LYS C 56 2.73 38.02 0.42
CA LYS C 56 1.39 37.50 0.17
C LYS C 56 1.35 35.98 0.40
N LEU C 57 0.36 35.50 1.15
CA LEU C 57 0.09 34.07 1.22
C LEU C 57 -0.80 33.64 0.06
N THR C 58 -1.99 34.23 -0.03
CA THR C 58 -2.89 34.06 -1.16
C THR C 58 -3.14 35.43 -1.79
N LYS C 59 -4.02 35.45 -2.79
CA LYS C 59 -4.49 36.71 -3.39
C LYS C 59 -5.00 37.70 -2.34
N ASN C 60 -5.58 37.22 -1.25
CA ASN C 60 -6.19 38.09 -0.25
C ASN C 60 -5.46 38.14 1.08
N ILE C 61 -4.84 37.06 1.51
CA ILE C 61 -4.16 37.02 2.81
C ILE C 61 -2.71 37.42 2.64
N THR C 62 -2.22 38.29 3.52
CA THR C 62 -0.80 38.63 3.58
C THR C 62 -0.16 38.04 4.82
N LEU C 63 1.17 38.01 4.78
CA LEU C 63 1.97 37.63 5.93
C LEU C 63 2.95 38.76 6.25
N ASN C 64 3.39 38.80 7.49
CA ASN C 64 4.41 39.77 7.86
C ASN C 64 5.82 39.24 7.66
N MET C 65 5.94 37.94 7.44
CA MET C 65 7.14 37.15 7.22
C MET C 65 6.75 36.03 6.23
N PRO C 66 7.69 35.63 5.36
CA PRO C 66 7.30 34.64 4.33
C PRO C 66 7.45 33.18 4.69
N LEU C 67 7.30 32.77 5.94
CA LEU C 67 7.48 31.36 6.27
C LEU C 67 6.21 30.74 6.82
N ILE C 68 5.95 29.52 6.35
CA ILE C 68 4.81 28.70 6.71
C ILE C 68 5.34 27.35 7.18
N SER C 69 4.87 26.89 8.33
CA SER C 69 5.27 25.56 8.79
C SER C 69 4.43 24.46 8.14
N ALA C 70 5.10 23.34 7.82
CA ALA C 70 4.54 22.27 6.99
C ALA C 70 3.38 21.53 7.66
N ALA C 71 2.44 21.04 6.83
CA ALA C 71 1.24 20.36 7.33
C ALA C 71 1.56 18.91 7.65
N MET C 72 2.37 18.71 8.69
CA MET C 72 2.83 17.37 9.05
C MET C 72 2.68 17.08 10.53
N ASP C 73 2.39 15.82 10.84
CA ASP C 73 2.09 15.43 12.21
C ASP C 73 3.33 15.41 13.10
N THR C 74 4.54 15.60 12.56
CA THR C 74 5.72 15.84 13.38
C THR C 74 6.17 17.29 13.35
N VAL C 75 5.37 18.20 12.77
CA VAL C 75 5.80 19.59 12.65
C VAL C 75 4.84 20.60 13.30
N THR C 76 3.60 20.61 12.82
CA THR C 76 2.65 21.61 13.27
C THR C 76 1.33 21.13 13.83
N GLU C 77 1.00 21.71 14.98
CA GLU C 77 -0.20 21.47 15.73
C GLU C 77 -0.43 22.85 16.31
N HIS C 78 -1.32 23.00 17.28
CA HIS C 78 -1.61 24.33 17.78
C HIS C 78 -0.43 25.12 18.36
N ARG C 79 0.47 24.48 19.09
CA ARG C 79 1.59 25.27 19.64
C ARG C 79 2.47 25.84 18.52
N ALA C 80 2.83 24.99 17.55
CA ALA C 80 3.62 25.45 16.40
C ALA C 80 2.89 26.53 15.61
N ALA C 81 1.60 26.31 15.33
CA ALA C 81 0.81 27.33 14.62
C ALA C 81 0.78 28.65 15.38
N ILE C 82 0.64 28.59 16.72
CA ILE C 82 0.54 29.80 17.50
C ILE C 82 1.84 30.60 17.39
N MET C 83 2.99 29.93 17.47
CA MET C 83 4.26 30.64 17.37
C MET C 83 4.46 31.22 15.98
N MET C 84 4.02 30.49 14.95
CA MET C 84 4.18 30.95 13.57
C MET C 84 3.38 32.22 13.32
N ALA C 85 2.09 32.19 13.66
CA ALA C 85 1.30 33.41 13.53
C ALA C 85 1.88 34.54 14.37
N ARG C 86 2.36 34.22 15.58
CA ARG C 86 2.89 35.25 16.46
C ARG C 86 4.10 35.94 15.84
N LEU C 87 4.97 35.16 15.20
CA LEU C 87 6.16 35.70 14.56
C LEU C 87 5.89 36.35 13.21
N GLY C 88 4.65 36.32 12.71
CA GLY C 88 4.28 36.97 11.47
C GLY C 88 3.92 36.04 10.32
N GLY C 89 3.97 34.74 10.52
CA GLY C 89 3.79 33.84 9.41
C GLY C 89 2.53 33.02 9.60
N LEU C 90 2.60 31.74 9.25
CA LEU C 90 1.42 30.92 9.40
C LEU C 90 1.85 29.49 9.65
N GLY C 91 0.98 28.73 10.30
CA GLY C 91 1.16 27.29 10.43
C GLY C 91 -0.04 26.59 9.85
N VAL C 92 0.19 25.49 9.15
CA VAL C 92 -0.90 24.67 8.62
C VAL C 92 -1.01 23.41 9.49
N ILE C 93 -2.17 23.21 10.12
CA ILE C 93 -2.39 22.01 10.92
C ILE C 93 -2.65 20.81 10.02
N HIS C 94 -1.92 19.74 10.28
CA HIS C 94 -2.07 18.51 9.51
C HIS C 94 -3.46 17.93 9.62
N LYS C 95 -3.78 17.01 8.73
CA LYS C 95 -5.10 16.38 8.67
C LYS C 95 -5.04 14.91 9.08
N ASN C 96 -3.95 14.46 9.69
CA ASN C 96 -3.82 13.08 10.16
C ASN C 96 -4.40 12.93 11.57
N MET C 97 -5.71 13.16 11.66
CA MET C 97 -6.50 13.16 12.89
C MET C 97 -7.97 13.36 12.53
N ASP C 98 -8.87 12.86 13.38
CA ASP C 98 -10.32 13.02 13.25
C ASP C 98 -10.70 14.47 12.96
N ILE C 99 -11.87 14.66 12.30
CA ILE C 99 -12.37 16.01 12.03
C ILE C 99 -12.48 16.81 13.32
N ALA C 100 -13.06 16.20 14.35
CA ALA C 100 -13.21 16.88 15.63
C ALA C 100 -11.85 17.32 16.19
N SER C 101 -10.81 16.51 16.00
CA SER C 101 -9.51 16.87 16.56
C SER C 101 -8.90 18.06 15.82
N GLN C 102 -9.00 18.09 14.49
CA GLN C 102 -8.43 19.19 13.75
C GLN C 102 -9.14 20.50 14.07
N VAL C 103 -10.46 20.46 14.22
CA VAL C 103 -11.23 21.66 14.59
C VAL C 103 -10.74 22.22 15.91
N ARG C 104 -10.52 21.35 16.91
CA ARG C 104 -10.04 21.83 18.20
C ARG C 104 -8.64 22.43 18.11
N GLU C 105 -7.76 21.87 17.29
CA GLU C 105 -6.45 22.48 17.08
C GLU C 105 -6.60 23.87 16.47
N VAL C 106 -7.42 23.99 15.43
CA VAL C 106 -7.69 25.31 14.85
C VAL C 106 -8.22 26.26 15.91
N LYS C 107 -9.24 25.83 16.66
CA LYS C 107 -9.86 26.71 17.64
C LYS C 107 -8.86 27.17 18.69
N ARG C 108 -8.02 26.25 19.19
CA ARG C 108 -6.97 26.63 20.14
C ARG C 108 -6.10 27.74 19.57
N VAL C 109 -5.77 27.66 18.28
CA VAL C 109 -4.96 28.72 17.68
C VAL C 109 -5.75 30.01 17.63
N LYS C 110 -7.04 29.94 17.28
CA LYS C 110 -7.83 31.16 17.11
C LYS C 110 -8.06 31.87 18.44
N LYS C 111 -8.20 31.14 19.55
CA LYS C 111 -8.50 31.74 20.83
C LYS C 111 -7.26 32.15 21.61
N SER C 112 -6.08 31.89 21.07
CA SER C 112 -4.83 32.38 21.63
C SER C 112 -4.64 33.86 21.31
N LYS C 124 3.67 44.81 21.79
CA LYS C 124 3.81 43.68 22.70
C LYS C 124 5.19 43.01 22.57
N GLU C 125 5.23 41.76 23.03
CA GLU C 125 6.35 40.87 22.76
C GLU C 125 6.28 40.30 21.34
N TYR C 126 5.12 40.41 20.67
CA TYR C 126 4.90 39.88 19.32
C TYR C 126 4.31 40.96 18.43
N PRO C 127 5.08 42.02 18.13
CA PRO C 127 4.52 43.16 17.39
C PRO C 127 4.27 42.87 15.92
N ASP C 128 4.83 41.80 15.38
CA ASP C 128 4.65 41.45 13.98
C ASP C 128 3.61 40.35 13.80
N ALA C 129 2.71 40.18 14.78
CA ALA C 129 1.80 39.04 14.74
C ALA C 129 0.84 39.14 13.57
N ASN C 130 0.56 37.99 12.96
CA ASN C 130 -0.28 37.89 11.77
C ASN C 130 -1.71 37.57 12.21
N LYS C 131 -2.51 38.62 12.38
CA LYS C 131 -3.85 38.51 12.93
C LYS C 131 -4.89 38.74 11.84
N ASP C 132 -6.10 38.27 12.11
CA ASP C 132 -7.22 38.47 11.21
C ASP C 132 -7.95 39.77 11.56
N ASN C 133 -9.02 40.07 10.81
CA ASN C 133 -9.75 41.33 11.01
C ASN C 133 -10.26 41.50 12.43
N PHE C 134 -10.35 40.43 13.22
CA PHE C 134 -10.82 40.49 14.59
C PHE C 134 -9.70 40.45 15.63
N GLY C 135 -8.43 40.38 15.20
CA GLY C 135 -7.35 40.30 16.17
C GLY C 135 -7.07 38.92 16.69
N ARG C 136 -7.60 37.88 16.03
CA ARG C 136 -7.27 36.50 16.32
C ARG C 136 -6.15 36.06 15.38
N LEU C 137 -5.25 35.23 15.88
CA LEU C 137 -4.13 34.78 15.07
C LEU C 137 -4.65 33.97 13.88
N ARG C 138 -3.90 34.04 12.79
CA ARG C 138 -4.29 33.38 11.57
C ARG C 138 -3.90 31.89 11.63
N VAL C 139 -4.59 31.07 10.84
CA VAL C 139 -4.37 29.63 10.92
C VAL C 139 -4.82 28.95 9.63
N GLY C 140 -4.05 27.96 9.21
CA GLY C 140 -4.40 27.09 8.11
C GLY C 140 -4.73 25.68 8.59
N ALA C 141 -5.11 24.84 7.62
CA ALA C 141 -5.57 23.49 7.92
C ALA C 141 -5.56 22.70 6.61
N ALA C 142 -4.95 21.52 6.65
CA ALA C 142 -4.88 20.70 5.45
C ALA C 142 -6.19 19.96 5.25
N ILE C 143 -6.51 19.69 3.97
CA ILE C 143 -7.62 18.82 3.60
C ILE C 143 -7.18 17.99 2.39
N GLY C 144 -7.96 16.96 2.09
CA GLY C 144 -7.80 16.17 0.90
C GLY C 144 -9.09 16.10 0.09
N VAL C 145 -9.04 15.43 -1.04
CA VAL C 145 -10.21 15.32 -1.90
C VAL C 145 -11.38 14.58 -1.26
N GLY C 146 -12.58 15.05 -1.55
CA GLY C 146 -13.81 14.47 -1.03
C GLY C 146 -13.91 14.51 0.48
N GLN C 147 -13.39 15.58 1.06
CA GLN C 147 -13.40 15.77 2.51
C GLN C 147 -14.16 17.01 2.88
N MET C 148 -15.26 17.26 2.17
CA MET C 148 -16.09 18.43 2.38
C MET C 148 -16.64 18.52 3.80
N ASP C 149 -16.95 17.37 4.39
CA ASP C 149 -17.48 17.38 5.73
C ASP C 149 -16.47 18.07 6.62
N ARG C 150 -15.19 17.80 6.38
CA ARG C 150 -14.13 18.45 7.15
C ARG C 150 -14.02 19.92 6.80
N VAL C 151 -14.21 20.28 5.52
CA VAL C 151 -14.16 21.69 5.14
C VAL C 151 -15.27 22.47 5.84
N ASP C 152 -16.49 21.91 5.89
CA ASP C 152 -17.60 22.55 6.61
C ASP C 152 -17.20 22.86 8.04
N ALA C 153 -16.71 21.86 8.78
CA ALA C 153 -16.29 22.03 10.16
C ALA C 153 -15.14 23.05 10.30
N LEU C 154 -14.11 22.98 9.45
CA LEU C 154 -13.05 23.98 9.55
C LEU C 154 -13.58 25.40 9.32
N VAL C 155 -14.62 25.53 8.51
CA VAL C 155 -15.24 26.82 8.24
C VAL C 155 -15.95 27.37 9.47
N GLU C 156 -16.66 26.50 10.18
CA GLU C 156 -17.41 26.87 11.38
C GLU C 156 -16.45 27.37 12.44
N ALA C 157 -15.32 26.68 12.51
CA ALA C 157 -14.26 26.98 13.45
C ALA C 157 -13.62 28.34 13.23
N GLY C 158 -13.56 28.79 11.98
CA GLY C 158 -12.90 30.03 11.68
C GLY C 158 -11.53 29.89 11.06
N VAL C 159 -11.26 28.80 10.34
CA VAL C 159 -10.00 28.67 9.65
C VAL C 159 -9.88 29.79 8.63
N ASP C 160 -8.66 30.28 8.43
CA ASP C 160 -8.42 31.40 7.53
C ASP C 160 -8.14 30.94 6.12
N VAL C 161 -7.54 29.77 5.97
CA VAL C 161 -7.17 29.25 4.67
C VAL C 161 -7.11 27.73 4.74
N VAL C 162 -7.61 27.09 3.69
CA VAL C 162 -7.69 25.64 3.59
C VAL C 162 -6.66 25.21 2.56
N VAL C 163 -5.81 24.26 2.93
CA VAL C 163 -4.68 23.83 2.12
C VAL C 163 -5.01 22.42 1.63
N LEU C 164 -5.40 22.32 0.37
CA LEU C 164 -5.81 21.08 -0.25
C LEU C 164 -4.57 20.43 -0.84
N ASP C 165 -4.00 19.47 -0.11
CA ASP C 165 -2.75 18.82 -0.51
C ASP C 165 -3.02 17.47 -1.18
N SER C 166 -2.22 17.17 -2.19
CA SER C 166 -2.31 15.90 -2.89
C SER C 166 -0.91 15.51 -3.33
N ALA C 167 -0.67 14.22 -3.48
CA ALA C 167 0.64 13.80 -3.94
C ALA C 167 0.79 14.37 -5.33
N HIS C 168 -0.28 14.30 -6.09
CA HIS C 168 -0.31 14.82 -7.45
C HIS C 168 -1.48 15.77 -7.58
N GLY C 169 -1.21 17.05 -7.41
CA GLY C 169 -2.21 18.10 -7.50
C GLY C 169 -2.87 18.33 -8.85
N HIS C 170 -2.08 18.15 -9.89
CA HIS C 170 -2.50 18.43 -11.27
C HIS C 170 -3.34 17.26 -11.79
N SER C 171 -4.53 17.11 -11.21
CA SER C 171 -5.39 15.96 -11.51
C SER C 171 -6.85 16.35 -11.44
N LYS C 172 -7.68 15.50 -12.04
CA LYS C 172 -9.13 15.73 -12.05
C LYS C 172 -9.69 15.77 -10.64
N GLY C 173 -9.22 14.87 -9.77
CA GLY C 173 -9.74 14.83 -8.41
C GLY C 173 -9.50 16.12 -7.65
N ILE C 174 -8.30 16.67 -7.76
CA ILE C 174 -8.00 17.93 -7.09
C ILE C 174 -8.79 19.07 -7.71
N ILE C 175 -8.75 19.18 -9.04
CA ILE C 175 -9.44 20.27 -9.72
C ILE C 175 -10.94 20.25 -9.41
N ASP C 176 -11.58 19.08 -9.58
CA ASP C 176 -13.00 18.96 -9.27
C ASP C 176 -13.31 19.41 -7.83
N THR C 177 -12.38 19.14 -6.91
CA THR C 177 -12.58 19.53 -5.52
C THR C 177 -12.42 21.03 -5.33
N VAL C 178 -11.42 21.63 -5.97
CA VAL C 178 -11.28 23.08 -5.95
C VAL C 178 -12.60 23.71 -6.34
N LYS C 179 -13.22 23.20 -7.40
CA LYS C 179 -14.44 23.80 -7.90
C LYS C 179 -15.58 23.62 -6.92
N ALA C 180 -15.66 22.46 -6.26
CA ALA C 180 -16.70 22.20 -5.27
C ALA C 180 -16.59 23.15 -4.09
N ILE C 181 -15.38 23.39 -3.61
CA ILE C 181 -15.20 24.26 -2.45
C ILE C 181 -15.54 25.70 -2.82
N LYS C 182 -14.97 26.21 -3.92
CA LYS C 182 -15.27 27.59 -4.33
C LYS C 182 -16.74 27.77 -4.69
N ALA C 183 -17.40 26.72 -5.20
CA ALA C 183 -18.84 26.83 -5.45
C ALA C 183 -19.60 27.01 -4.14
N LYS C 184 -19.18 26.34 -3.08
CA LYS C 184 -19.86 26.42 -1.80
C LYS C 184 -19.37 27.57 -0.93
N TYR C 185 -18.05 27.77 -0.90
CA TYR C 185 -17.42 28.80 -0.09
C TYR C 185 -16.64 29.69 -1.04
N PRO C 186 -17.33 30.58 -1.78
CA PRO C 186 -16.60 31.49 -2.69
C PRO C 186 -15.63 32.41 -1.97
N ASN C 187 -15.84 32.68 -0.69
CA ASN C 187 -15.02 33.64 0.05
C ASN C 187 -14.00 32.99 0.94
N LEU C 188 -13.85 31.66 0.87
CA LEU C 188 -12.84 30.96 1.64
C LEU C 188 -11.59 30.82 0.80
N ASP C 189 -10.43 31.10 1.41
CA ASP C 189 -9.16 31.08 0.71
C ASP C 189 -8.62 29.66 0.60
N LEU C 190 -8.36 29.24 -0.64
CA LEU C 190 -7.95 27.87 -0.92
C LEU C 190 -6.55 27.87 -1.51
N ILE C 191 -5.66 27.09 -0.90
CA ILE C 191 -4.37 26.74 -1.48
C ILE C 191 -4.46 25.29 -1.94
N ALA C 192 -4.02 25.02 -3.16
CA ALA C 192 -3.97 23.65 -3.67
C ALA C 192 -2.56 23.33 -4.15
N GLY C 193 -2.21 22.04 -4.03
CA GLY C 193 -0.93 21.54 -4.49
C GLY C 193 -0.90 20.05 -4.30
N ASN C 194 0.25 19.45 -4.63
CA ASN C 194 1.44 20.13 -5.10
C ASN C 194 1.63 19.94 -6.61
N ILE C 195 2.26 20.93 -7.25
CA ILE C 195 2.45 20.91 -8.68
C ILE C 195 3.91 21.18 -9.00
N ALA C 196 4.30 20.88 -10.25
CA ALA C 196 5.66 21.12 -10.67
C ALA C 196 5.77 21.66 -12.11
N THR C 197 4.67 21.94 -12.77
CA THR C 197 4.71 22.36 -14.17
C THR C 197 3.82 23.57 -14.39
N ALA C 198 4.12 24.30 -15.46
CA ALA C 198 3.33 25.48 -15.81
C ALA C 198 1.96 25.09 -16.33
N ALA C 199 1.83 23.95 -17.01
CA ALA C 199 0.49 23.44 -17.31
C ALA C 199 -0.33 23.30 -16.02
N ALA C 200 0.29 22.73 -14.98
CA ALA C 200 -0.40 22.53 -13.71
C ALA C 200 -0.82 23.85 -13.07
N ALA C 201 0.05 24.87 -13.14
CA ALA C 201 -0.33 26.17 -12.57
C ALA C 201 -1.55 26.73 -13.27
N LYS C 202 -1.54 26.74 -14.61
CA LYS C 202 -2.66 27.25 -15.37
C LYS C 202 -3.98 26.56 -14.99
N ALA C 203 -3.95 25.25 -14.77
CA ALA C 203 -5.20 24.54 -14.48
C ALA C 203 -5.75 24.90 -13.10
N LEU C 204 -4.92 24.85 -12.06
CA LEU C 204 -5.40 25.19 -10.73
C LEU C 204 -5.82 26.67 -10.66
N CYS C 205 -5.10 27.54 -11.35
CA CYS C 205 -5.45 28.94 -11.34
C CYS C 205 -6.83 29.15 -11.94
N GLU C 206 -7.12 28.45 -13.04
CA GLU C 206 -8.40 28.58 -13.73
C GLU C 206 -9.53 27.87 -13.00
N ALA C 207 -9.24 26.85 -12.19
CA ALA C 207 -10.27 26.32 -11.30
C ALA C 207 -10.59 27.25 -10.15
N GLY C 208 -9.77 28.27 -9.91
CA GLY C 208 -10.07 29.35 -9.01
C GLY C 208 -9.31 29.38 -7.71
N VAL C 209 -8.13 28.75 -7.63
CA VAL C 209 -7.38 28.74 -6.38
C VAL C 209 -6.87 30.14 -6.05
N ASP C 210 -6.59 30.34 -4.78
CA ASP C 210 -6.05 31.61 -4.30
C ASP C 210 -4.56 31.53 -4.04
N ALA C 211 -3.98 30.34 -4.06
CA ALA C 211 -2.53 30.15 -4.10
C ALA C 211 -2.24 28.72 -4.54
N VAL C 212 -1.09 28.52 -5.20
CA VAL C 212 -0.63 27.19 -5.61
C VAL C 212 0.65 26.84 -4.85
N LYS C 213 0.84 25.54 -4.62
CA LYS C 213 1.97 25.05 -3.84
C LYS C 213 2.84 24.16 -4.73
N VAL C 214 4.14 24.46 -4.80
CA VAL C 214 5.03 23.86 -5.79
C VAL C 214 6.08 23.01 -5.09
N GLY C 215 6.18 21.75 -5.50
CA GLY C 215 7.08 20.80 -4.91
C GLY C 215 6.65 19.36 -5.11
N ILE C 216 7.23 18.68 -6.08
CA ILE C 216 7.08 17.23 -6.25
C ILE C 216 8.46 16.64 -6.00
N GLY C 217 8.67 16.08 -4.82
CA GLY C 217 9.92 15.40 -4.54
C GLY C 217 11.06 16.13 -3.82
N PRO C 218 11.06 17.46 -3.70
CA PRO C 218 12.25 18.11 -3.13
C PRO C 218 12.47 17.78 -1.67
N GLY C 219 11.45 17.33 -0.94
CA GLY C 219 11.47 17.41 0.52
C GLY C 219 12.42 16.41 1.15
N SER C 220 12.92 16.79 2.33
CA SER C 220 13.96 16.02 3.00
C SER C 220 13.55 14.57 3.25
N ILE C 221 12.28 14.35 3.62
CA ILE C 221 11.81 13.03 4.02
C ILE C 221 11.11 12.29 2.89
N CYS C 222 11.15 12.86 1.69
CA CYS C 222 10.39 12.40 0.54
C CYS C 222 11.24 11.49 -0.34
N THR C 223 10.63 10.39 -0.81
CA THR C 223 11.29 9.48 -1.72
C THR C 223 10.62 9.40 -3.09
N THR C 224 9.72 10.34 -3.43
CA THR C 224 8.90 10.22 -4.63
C THR C 224 9.72 10.03 -5.90
N ARG C 225 10.72 10.90 -6.12
CA ARG C 225 11.45 10.79 -7.38
C ARG C 225 12.33 9.53 -7.46
N ILE C 226 12.61 8.90 -6.32
CA ILE C 226 13.31 7.63 -6.33
C ILE C 226 12.33 6.46 -6.52
N VAL C 227 11.14 6.56 -5.95
CA VAL C 227 10.18 5.47 -6.00
C VAL C 227 9.41 5.47 -7.32
N SER C 228 9.13 6.62 -7.91
CA SER C 228 8.42 6.67 -9.19
C SER C 228 9.20 7.36 -10.30
N GLY C 229 10.37 7.92 -10.00
CA GLY C 229 11.10 8.59 -11.05
C GLY C 229 10.50 9.89 -11.51
N VAL C 230 9.66 10.51 -10.69
CA VAL C 230 8.90 11.67 -11.09
C VAL C 230 9.27 12.87 -10.23
N GLY C 231 9.46 14.01 -10.86
CA GLY C 231 9.73 15.24 -10.13
C GLY C 231 10.42 16.26 -11.00
N VAL C 232 10.35 17.51 -10.56
CA VAL C 232 11.12 18.60 -11.17
C VAL C 232 11.94 19.26 -10.08
N PRO C 233 13.25 19.41 -10.26
CA PRO C 233 14.08 20.09 -9.25
C PRO C 233 13.51 21.46 -8.91
N GLN C 234 13.63 21.84 -7.64
CA GLN C 234 12.69 22.82 -7.09
C GLN C 234 12.88 24.21 -7.69
N ILE C 235 14.12 24.62 -7.95
CA ILE C 235 14.32 25.97 -8.49
C ILE C 235 13.67 26.09 -9.86
N SER C 236 13.87 25.09 -10.71
CA SER C 236 13.20 25.11 -12.01
C SER C 236 11.69 24.99 -11.86
N ALA C 237 11.23 24.20 -10.89
CA ALA C 237 9.79 24.07 -10.68
C ALA C 237 9.16 25.42 -10.33
N ILE C 238 9.73 26.11 -9.34
CA ILE C 238 9.27 27.45 -8.95
C ILE C 238 9.28 28.38 -10.15
N ASP C 239 10.40 28.39 -10.88
CA ASP C 239 10.57 29.32 -11.99
C ASP C 239 9.49 29.13 -13.04
N GLU C 240 9.30 27.88 -13.47
CA GLU C 240 8.25 27.55 -14.43
C GLU C 240 6.88 27.98 -13.92
N CYS C 241 6.59 27.76 -12.63
CA CYS C 241 5.26 28.01 -12.09
C CYS C 241 5.01 29.46 -11.70
N VAL C 242 6.05 30.22 -11.34
CA VAL C 242 5.81 31.64 -11.08
C VAL C 242 5.46 32.36 -12.38
N GLU C 243 6.14 32.01 -13.48
CA GLU C 243 5.86 32.72 -14.73
C GLU C 243 4.41 32.56 -15.14
N GLU C 244 3.84 31.37 -14.90
CA GLU C 244 2.48 31.11 -15.34
C GLU C 244 1.45 31.67 -14.35
N ALA C 245 1.67 31.43 -13.05
CA ALA C 245 0.73 31.88 -12.03
C ALA C 245 0.65 33.41 -11.94
N ASN C 246 1.74 34.11 -12.25
CA ASN C 246 1.70 35.57 -12.22
C ASN C 246 0.64 36.12 -13.16
N LYS C 247 0.48 35.47 -14.32
CA LYS C 247 -0.56 35.89 -15.26
C LYS C 247 -1.95 35.95 -14.62
N PHE C 248 -2.18 35.13 -13.60
CA PHE C 248 -3.44 35.10 -12.88
C PHE C 248 -3.42 35.88 -11.58
N GLY C 249 -2.28 36.47 -11.22
CA GLY C 249 -2.11 37.14 -9.95
C GLY C 249 -2.06 36.22 -8.74
N VAL C 250 -1.68 34.97 -8.92
CA VAL C 250 -1.76 33.96 -7.88
C VAL C 250 -0.37 33.75 -7.28
N PRO C 251 -0.21 33.86 -5.96
CA PRO C 251 1.09 33.60 -5.35
C PRO C 251 1.47 32.12 -5.42
N VAL C 252 2.78 31.88 -5.44
CA VAL C 252 3.32 30.52 -5.46
C VAL C 252 3.99 30.29 -4.12
N ILE C 253 3.54 29.27 -3.39
CA ILE C 253 4.24 28.83 -2.18
C ILE C 253 5.31 27.80 -2.58
N ALA C 254 6.56 28.07 -2.21
CA ALA C 254 7.63 27.14 -2.49
C ALA C 254 7.74 26.13 -1.34
N ASP C 255 7.53 24.84 -1.64
CA ASP C 255 7.30 23.82 -0.61
C ASP C 255 8.25 22.64 -0.74
N GLY C 256 9.25 22.56 0.14
CA GLY C 256 10.11 21.39 0.21
C GLY C 256 11.56 21.66 -0.14
N GLY C 257 12.47 21.01 0.59
CA GLY C 257 13.88 20.99 0.25
C GLY C 257 14.69 22.19 0.68
N ILE C 258 14.17 23.02 1.58
CA ILE C 258 14.90 24.17 2.11
C ILE C 258 15.87 23.69 3.19
N LYS C 259 17.17 23.76 2.93
CA LYS C 259 18.16 23.28 3.90
C LYS C 259 18.80 24.40 4.72
N TYR C 260 18.94 25.61 4.15
CA TYR C 260 19.64 26.73 4.78
C TYR C 260 18.90 28.03 4.47
N SER C 261 19.24 29.12 5.21
CA SER C 261 18.63 30.43 4.94
C SER C 261 18.69 30.80 3.47
N GLY C 262 19.88 30.66 2.87
CA GLY C 262 20.06 31.05 1.49
C GLY C 262 19.04 30.49 0.53
N ASP C 263 18.56 29.25 0.78
CA ASP C 263 17.57 28.66 -0.12
C ASP C 263 16.26 29.41 -0.03
N ILE C 264 15.90 29.87 1.16
CA ILE C 264 14.75 30.77 1.30
C ILE C 264 14.95 32.00 0.42
N ALA C 265 16.11 32.64 0.53
CA ALA C 265 16.37 33.83 -0.27
C ALA C 265 16.28 33.51 -1.76
N LYS C 266 16.97 32.45 -2.19
CA LYS C 266 16.94 32.08 -3.61
C LYS C 266 15.52 31.84 -4.09
N ALA C 267 14.69 31.14 -3.29
CA ALA C 267 13.34 30.81 -3.71
C ALA C 267 12.46 32.05 -3.86
N LEU C 268 12.58 32.99 -2.91
CA LEU C 268 11.79 34.20 -3.02
C LEU C 268 12.25 35.04 -4.20
N ALA C 269 13.56 35.04 -4.45
CA ALA C 269 14.12 35.83 -5.55
C ALA C 269 13.63 35.36 -6.90
N VAL C 270 13.56 34.03 -7.11
CA VAL C 270 13.03 33.48 -8.35
C VAL C 270 11.58 33.90 -8.58
N GLY C 271 10.84 34.16 -7.51
CA GLY C 271 9.48 34.62 -7.68
C GLY C 271 8.44 34.05 -6.72
N ALA C 272 8.81 33.05 -5.91
CA ALA C 272 7.87 32.53 -4.94
C ALA C 272 7.46 33.61 -3.95
N SER C 273 6.25 33.45 -3.39
CA SER C 273 5.76 34.45 -2.44
C SER C 273 5.93 34.02 -1.00
N SER C 274 6.04 32.72 -0.76
CA SER C 274 6.32 32.21 0.57
C SER C 274 6.98 30.86 0.45
N VAL C 275 7.61 30.44 1.55
CA VAL C 275 8.33 29.18 1.63
C VAL C 275 7.66 28.33 2.69
N MET C 276 7.51 27.04 2.41
CA MET C 276 7.00 26.08 3.39
C MET C 276 8.14 25.22 3.90
N ILE C 277 8.28 25.16 5.22
CA ILE C 277 9.42 24.54 5.87
C ILE C 277 8.93 23.38 6.74
N GLY C 278 9.60 22.23 6.62
CA GLY C 278 9.30 21.07 7.43
C GLY C 278 10.45 20.69 8.32
N SER C 279 11.57 20.28 7.72
CA SER C 279 12.64 19.67 8.50
C SER C 279 13.32 20.68 9.43
N LEU C 280 13.50 21.93 8.97
CA LEU C 280 14.13 22.93 9.83
C LEU C 280 13.27 23.27 11.04
N LEU C 281 11.98 22.94 11.03
CA LEU C 281 11.15 23.20 12.18
C LEU C 281 10.86 21.97 13.03
N ALA C 282 11.08 20.77 12.48
CA ALA C 282 10.68 19.55 13.19
C ALA C 282 11.42 19.34 14.51
N GLY C 283 12.60 19.93 14.67
CA GLY C 283 13.33 19.73 15.90
C GLY C 283 13.01 20.72 16.99
N THR C 284 12.01 21.59 16.77
CA THR C 284 11.72 22.65 17.73
C THR C 284 10.86 22.14 18.89
N ASP C 285 10.98 22.82 20.03
CA ASP C 285 10.09 22.60 21.18
C ASP C 285 8.64 22.47 20.74
N GLU C 286 8.15 23.48 20.03
CA GLU C 286 6.74 23.61 19.74
C GLU C 286 6.20 22.52 18.82
N SER C 287 7.03 21.82 18.09
CA SER C 287 6.51 20.78 17.21
C SER C 287 6.05 19.58 18.04
N PRO C 288 5.04 18.84 17.58
CA PRO C 288 4.61 17.62 18.30
C PRO C 288 5.74 16.60 18.39
N GLY C 289 5.63 15.75 19.40
CA GLY C 289 6.69 14.81 19.69
C GLY C 289 7.53 15.25 20.88
N GLU C 290 8.22 14.29 21.49
CA GLU C 290 9.04 14.56 22.66
C GLU C 290 10.53 14.50 22.31
N LEU C 291 11.32 15.08 23.18
CA LEU C 291 12.77 14.93 23.07
C LEU C 291 13.20 13.53 23.45
N PHE C 292 14.28 13.08 22.80
CA PHE C 292 15.02 11.93 23.30
C PHE C 292 16.49 12.14 22.96
N THR C 293 17.32 11.42 23.68
CA THR C 293 18.77 11.47 23.54
C THR C 293 19.24 10.11 23.04
N TYR C 294 20.08 10.12 22.01
CA TYR C 294 20.65 8.89 21.45
C TYR C 294 22.12 9.17 21.19
N GLN C 295 22.97 8.52 21.97
CA GLN C 295 24.43 8.64 21.84
C GLN C 295 24.90 10.09 21.99
N GLY C 296 24.37 10.74 23.03
CA GLY C 296 24.81 12.06 23.42
C GLY C 296 24.14 13.20 22.70
N ARG C 297 23.51 12.95 21.56
CA ARG C 297 22.78 13.97 20.83
C ARG C 297 21.30 13.95 21.23
N GLN C 298 20.68 15.11 21.25
CA GLN C 298 19.23 15.19 21.41
C GLN C 298 18.54 15.27 20.04
N TYR C 299 17.31 14.76 19.98
CA TYR C 299 16.60 14.64 18.71
C TYR C 299 15.10 14.73 18.93
N LYS C 300 14.41 15.01 17.83
CA LYS C 300 12.99 14.75 17.73
C LYS C 300 12.72 13.88 16.51
N SER C 301 11.60 13.18 16.54
CA SER C 301 11.18 12.37 15.41
C SER C 301 10.62 13.26 14.29
N TYR C 302 10.76 12.78 13.06
CA TYR C 302 10.32 13.53 11.88
C TYR C 302 10.12 12.55 10.74
N ARG C 303 8.89 12.45 10.22
CA ARG C 303 8.57 11.44 9.23
C ARG C 303 7.73 12.03 8.12
N GLY C 304 7.82 11.41 6.94
CA GLY C 304 6.97 11.82 5.84
C GLY C 304 5.53 11.43 6.09
N MET C 305 4.62 12.22 5.51
CA MET C 305 3.20 11.87 5.62
C MET C 305 2.83 10.70 4.73
N GLY C 306 3.67 10.36 3.76
CA GLY C 306 3.55 9.14 2.98
C GLY C 306 4.50 8.03 3.41
N SER C 307 5.00 8.09 4.65
CA SER C 307 5.74 6.99 5.25
C SER C 307 4.78 6.00 5.93
N LEU C 308 5.18 4.72 6.01
CA LEU C 308 4.31 3.73 6.63
C LEU C 308 3.88 4.14 8.03
N GLY C 309 4.82 4.65 8.85
CA GLY C 309 4.46 5.15 10.17
C GLY C 309 3.28 6.10 10.15
N ALA C 310 3.33 7.14 9.30
CA ALA C 310 2.26 8.13 9.26
C ALA C 310 0.95 7.56 8.74
N MET C 311 0.99 6.55 7.86
CA MET C 311 -0.24 6.03 7.27
C MET C 311 -0.93 4.93 8.06
N GLN C 312 -0.22 4.21 8.94
CA GLN C 312 -0.92 3.21 9.74
C GLN C 312 -1.88 3.86 10.72
N LYS C 313 -1.61 5.10 11.13
CA LYS C 313 -2.34 5.79 12.21
C LYS C 313 -3.86 5.83 12.00
N LYS C 328 -0.65 -4.47 1.16
CA LYS C 328 0.57 -3.83 1.67
C LYS C 328 0.79 -2.48 0.99
N LEU C 329 1.34 -1.53 1.76
CA LEU C 329 1.49 -0.16 1.30
C LEU C 329 2.83 0.05 0.61
N VAL C 330 2.82 0.93 -0.39
CA VAL C 330 4.01 1.34 -1.13
C VAL C 330 4.34 2.79 -0.80
N PRO C 331 5.20 3.06 0.18
CA PRO C 331 5.37 4.44 0.67
C PRO C 331 6.11 5.31 -0.33
N GLU C 332 6.09 6.61 -0.03
CA GLU C 332 6.86 7.63 -0.72
C GLU C 332 7.54 8.58 0.28
N GLY C 333 7.83 8.08 1.47
CA GLY C 333 8.49 8.86 2.51
C GLY C 333 9.06 7.93 3.57
N ILE C 334 9.86 8.51 4.46
CA ILE C 334 10.54 7.72 5.46
C ILE C 334 10.31 8.34 6.84
N GLU C 335 10.65 7.55 7.87
CA GLU C 335 10.58 7.97 9.25
C GLU C 335 12.00 8.07 9.79
N GLY C 336 12.31 9.18 10.41
CA GLY C 336 13.64 9.42 10.92
C GLY C 336 13.62 10.40 12.02
N ARG C 337 14.72 11.16 12.14
CA ARG C 337 14.98 12.00 13.30
C ARG C 337 15.84 13.17 12.86
N VAL C 338 15.63 14.33 13.48
CA VAL C 338 16.43 15.54 13.25
C VAL C 338 16.98 16.05 14.58
N PRO C 339 18.10 16.78 14.58
CA PRO C 339 18.60 17.39 15.82
C PRO C 339 17.58 18.31 16.47
N TYR C 340 17.56 18.28 17.79
CA TYR C 340 16.85 19.28 18.57
C TYR C 340 17.49 20.65 18.36
N VAL C 341 16.65 21.66 18.10
CA VAL C 341 17.14 22.99 17.72
C VAL C 341 16.66 24.07 18.66
N GLY C 342 15.86 23.74 19.67
CA GLY C 342 15.38 24.71 20.63
C GLY C 342 14.06 25.28 20.19
N SER C 343 13.83 26.57 20.43
CA SER C 343 12.53 27.14 20.13
C SER C 343 12.40 27.58 18.67
N ILE C 344 11.18 27.49 18.15
CA ILE C 344 10.77 28.09 16.88
C ILE C 344 11.35 29.49 16.76
N ARG C 345 11.25 30.29 17.82
CA ARG C 345 11.67 31.69 17.74
C ARG C 345 13.13 31.80 17.33
N SER C 346 14.02 31.11 18.04
CA SER C 346 15.44 31.20 17.73
C SER C 346 15.74 30.74 16.29
N VAL C 347 14.98 29.76 15.80
CA VAL C 347 15.18 29.22 14.45
C VAL C 347 14.70 30.21 13.40
N VAL C 348 13.47 30.70 13.55
CA VAL C 348 12.94 31.71 12.64
C VAL C 348 13.88 32.92 12.60
N HIS C 349 14.38 33.33 13.76
CA HIS C 349 15.23 34.50 13.83
C HIS C 349 16.48 34.31 12.98
N GLN C 350 17.10 33.13 13.06
CA GLN C 350 18.24 32.81 12.20
C GLN C 350 17.84 32.81 10.72
N LEU C 351 16.68 32.24 10.40
CA LEU C 351 16.28 32.15 9.00
C LEU C 351 16.04 33.53 8.40
N LEU C 352 15.17 34.32 9.04
CA LEU C 352 14.92 35.67 8.54
C LEU C 352 16.16 36.55 8.60
N GLY C 353 17.13 36.21 9.44
CA GLY C 353 18.38 36.95 9.44
C GLY C 353 19.16 36.75 8.17
N GLY C 354 19.09 35.55 7.59
CA GLY C 354 19.78 35.30 6.33
C GLY C 354 19.05 35.92 5.14
N LEU C 355 17.71 35.88 5.16
CA LEU C 355 16.93 36.55 4.13
C LEU C 355 17.21 38.05 4.12
N ARG C 356 17.18 38.69 5.30
CA ARG C 356 17.46 40.13 5.36
C ARG C 356 18.86 40.44 4.87
N SER C 357 19.82 39.59 5.22
CA SER C 357 21.18 39.73 4.72
C SER C 357 21.20 39.70 3.19
N SER C 358 20.49 38.74 2.61
CA SER C 358 20.46 38.60 1.17
C SER C 358 19.89 39.85 0.51
N MET C 359 18.82 40.39 1.09
CA MET C 359 18.19 41.54 0.47
C MET C 359 19.07 42.77 0.54
N GLY C 360 19.99 42.83 1.50
CA GLY C 360 20.98 43.89 1.52
C GLY C 360 22.11 43.73 0.51
N TYR C 361 22.51 42.48 0.22
CA TYR C 361 23.49 42.27 -0.85
C TYR C 361 22.91 42.66 -2.20
N VAL C 362 21.61 42.45 -2.40
CA VAL C 362 21.00 42.70 -3.71
C VAL C 362 20.60 44.16 -3.87
N GLY C 363 20.32 44.85 -2.77
CA GLY C 363 19.87 46.23 -2.82
C GLY C 363 18.37 46.40 -2.76
N ALA C 364 17.66 45.43 -2.21
CA ALA C 364 16.20 45.37 -2.25
C ALA C 364 15.60 45.91 -0.96
N LYS C 365 14.65 46.84 -1.07
CA LYS C 365 13.96 47.34 0.12
C LYS C 365 12.83 46.42 0.59
N ASP C 366 12.20 45.67 -0.31
CA ASP C 366 11.15 44.73 0.06
C ASP C 366 11.22 43.54 -0.89
N ILE C 367 10.26 42.61 -0.76
CA ILE C 367 10.35 41.37 -1.53
C ILE C 367 10.18 41.62 -3.02
N GLU C 368 9.23 42.48 -3.41
CA GLU C 368 9.00 42.57 -4.85
C GLU C 368 10.15 43.32 -5.52
N ASP C 369 10.85 44.20 -4.78
CA ASP C 369 12.08 44.80 -5.29
C ASP C 369 13.17 43.75 -5.46
N PHE C 370 13.33 42.89 -4.46
CA PHE C 370 14.18 41.70 -4.54
C PHE C 370 13.94 40.94 -5.83
N GLN C 371 12.67 40.69 -6.16
CA GLN C 371 12.34 39.89 -7.34
C GLN C 371 12.62 40.65 -8.64
N LYS C 372 12.37 41.97 -8.67
CA LYS C 372 12.67 42.77 -9.85
C LYS C 372 14.16 42.80 -10.13
N ARG C 373 14.97 42.74 -9.08
CA ARG C 373 16.38 43.08 -9.16
C ARG C 373 17.30 41.87 -9.22
N ALA C 374 16.83 40.70 -8.76
CA ALA C 374 17.68 39.52 -8.59
C ALA C 374 18.22 39.02 -9.93
N GLU C 375 19.53 38.81 -9.98
CA GLU C 375 20.18 38.14 -11.10
C GLU C 375 21.06 37.03 -10.55
N PHE C 376 20.98 35.85 -11.18
CA PHE C 376 21.63 34.63 -10.75
C PHE C 376 22.82 34.26 -11.63
N VAL C 377 23.81 33.58 -11.05
CA VAL C 377 24.79 32.83 -11.83
C VAL C 377 24.61 31.34 -11.51
N GLU C 378 24.92 30.50 -12.49
CA GLU C 378 24.87 29.06 -12.34
C GLU C 378 26.26 28.59 -11.92
N ILE C 379 26.34 27.72 -10.91
CA ILE C 379 27.62 27.35 -10.35
C ILE C 379 27.90 25.86 -10.55
N THR C 380 29.18 25.51 -10.39
CA THR C 380 29.74 24.18 -10.57
C THR C 380 29.71 23.44 -9.22
N THR C 381 29.98 22.14 -9.28
CA THR C 381 30.24 21.39 -8.05
C THR C 381 31.43 21.96 -7.27
N ALA C 382 32.53 22.28 -7.97
CA ALA C 382 33.67 22.94 -7.32
C ALA C 382 33.24 24.23 -6.63
N GLY C 383 32.32 24.97 -7.23
CA GLY C 383 31.89 26.22 -6.65
C GLY C 383 31.03 26.03 -5.43
N LEU C 384 30.25 24.95 -5.41
CA LEU C 384 29.47 24.59 -4.23
C LEU C 384 30.40 24.25 -3.06
N LYS C 385 31.47 23.52 -3.34
CA LYS C 385 32.41 23.16 -2.28
C LYS C 385 33.05 24.41 -1.68
N GLU C 386 33.33 25.41 -2.52
CA GLU C 386 33.96 26.62 -2.03
C GLU C 386 32.98 27.48 -1.25
N SER C 387 31.68 27.30 -1.49
CA SER C 387 30.68 28.11 -0.81
C SER C 387 30.49 27.65 0.63
N HIS C 388 30.51 26.35 0.87
CA HIS C 388 30.44 25.85 2.22
C HIS C 388 31.74 26.17 2.95
N VAL C 389 31.78 25.89 4.25
CA VAL C 389 33.04 25.89 4.98
C VAL C 389 33.94 24.81 4.41
N HIS C 390 35.20 25.15 4.17
CA HIS C 390 36.14 24.20 3.60
C HIS C 390 37.54 24.46 4.12
N ASP C 391 38.35 23.41 4.19
CA ASP C 391 39.75 23.46 4.61
C ASP C 391 39.92 23.79 6.09
N VAL C 392 38.85 23.79 6.86
CA VAL C 392 38.88 24.17 8.27
C VAL C 392 37.87 23.28 8.99
N THR C 393 38.23 22.82 10.18
CA THR C 393 37.33 22.03 11.00
C THR C 393 36.59 22.91 12.00
N ILE C 394 35.26 22.83 12.01
CA ILE C 394 34.45 23.66 12.90
C ILE C 394 34.58 23.14 14.34
N THR C 395 34.86 24.05 15.28
CA THR C 395 34.97 23.72 16.71
C THR C 395 33.75 24.16 17.50
N HIS C 396 33.21 25.34 17.24
CA HIS C 396 31.93 25.78 17.78
C HIS C 396 30.94 25.89 16.63
N GLU C 397 29.88 25.09 16.69
CA GLU C 397 28.85 25.14 15.66
C GLU C 397 28.12 26.49 15.71
N ALA C 398 27.81 27.00 14.56
CA ALA C 398 27.14 28.28 14.47
C ALA C 398 25.63 28.08 14.52
N PRO C 399 24.87 29.06 15.00
CA PRO C 399 23.41 28.88 15.07
C PRO C 399 22.73 28.70 13.71
N ASN C 400 23.42 28.98 12.59
CA ASN C 400 22.74 29.02 11.30
C ASN C 400 23.48 28.24 10.21
N TYR C 401 24.38 27.33 10.58
CA TYR C 401 25.12 26.54 9.60
C TYR C 401 25.52 25.22 10.24
N LYS C 402 25.03 24.12 9.68
CA LYS C 402 25.21 22.78 10.23
C LYS C 402 25.93 21.89 9.24
N VAL C 403 26.80 21.02 9.76
CA VAL C 403 27.43 19.95 8.97
C VAL C 403 27.56 18.67 9.81
P IMP D . -27.21 -10.44 -41.90
O1P IMP D . -27.49 -9.85 -43.24
O2P IMP D . -26.36 -9.51 -41.10
O3P IMP D . -28.47 -10.69 -41.16
O5' IMP D . -26.42 -11.81 -42.09
C5' IMP D . -25.13 -11.84 -42.68
C4' IMP D . -24.45 -13.12 -42.26
O4' IMP D . -25.09 -14.24 -42.86
C3' IMP D . -23.00 -13.21 -42.69
O3' IMP D . -22.15 -12.74 -41.65
C2' IMP D . -22.78 -14.68 -42.89
O2' IMP D . -22.27 -15.20 -41.68
C1' IMP D . -24.15 -15.27 -43.11
N9 IMP D . -24.36 -15.75 -44.50
C8 IMP D . -23.90 -15.20 -45.62
N7 IMP D . -24.31 -15.93 -46.67
C5 IMP D . -25.05 -16.96 -46.19
C6 IMP D . -25.72 -18.01 -46.77
O6 IMP D . -25.74 -18.17 -48.00
N1 IMP D . -26.36 -18.89 -45.99
C2 IMP D . -26.37 -18.75 -44.67
N3 IMP D . -25.72 -17.74 -44.09
C4 IMP D . -25.06 -16.83 -44.82
C13 8KY E . -25.19 -24.21 -49.88
O1 8KY E . -20.37 -29.42 -44.83
C2 8KY E . -22.27 -22.68 -49.32
C1 8KY E . -23.25 -23.38 -48.62
C12 8KY E . -23.06 -25.37 -50.19
C5 8KY E . -23.18 -21.74 -46.83
C18 8KY E . -22.25 -28.15 -45.57
C4 8KY E . -22.19 -21.03 -47.51
O3 8KY E . -19.30 -28.39 -47.06
O4 8KY E . -22.37 -26.38 -47.63
C17 8KY E . -23.60 -27.80 -45.46
C3 8KY E . -21.75 -21.51 -48.74
C6 8KY E . -23.71 -22.90 -47.40
C7 8KY E . -23.71 -21.27 -45.50
C8 8KY E . -24.72 -21.91 -44.92
C9 8KY E . -23.19 -20.21 -44.90
C10 8KY E . -23.55 -26.25 -47.34
C11 8KY E . -23.91 -24.62 -49.17
C19 8KY E . -21.68 -29.07 -44.71
C20 8KY E . -22.45 -29.63 -43.72
C21 8KY E . -23.80 -29.30 -43.60
C22 8KY E . -24.38 -28.39 -44.47
C24 8KY E . -18.81 -27.93 -45.98
C28 8KY E . -19.35 -28.43 -44.65
N3 8KY E . -24.32 -25.44 -48.04
N4 8KY E . -24.17 -26.90 -46.33
O25 8KY E . -17.88 -27.08 -45.96
CL 8KY E . -21.62 -30.81 -42.63
K K F . -32.59 -16.58 -42.05
S SO4 G . -42.96 -5.19 -57.65
O1 SO4 G . -42.51 -6.02 -58.76
O2 SO4 G . -43.92 -4.20 -58.17
O3 SO4 G . -43.62 -6.01 -56.65
O4 SO4 G . -41.83 -4.50 -57.03
S SO4 H . -10.18 2.87 -55.55
O1 SO4 H . -11.59 2.64 -55.85
O2 SO4 H . -9.79 4.20 -56.02
O3 SO4 H . -9.97 2.77 -54.11
O4 SO4 H . -9.35 1.86 -56.22
S SO4 I . -8.69 -21.89 -53.69
O1 SO4 I . -10.14 -21.97 -53.82
O2 SO4 I . -8.13 -21.25 -54.88
O3 SO4 I . -8.34 -21.11 -52.52
O4 SO4 I . -8.14 -23.24 -53.56
C1 EDO J . -25.40 -19.76 -41.13
O1 EDO J . -26.38 -18.71 -41.13
C2 EDO J . -26.13 -21.11 -41.30
O2 EDO J . -25.21 -22.21 -41.41
C1 EDO K . -3.27 -0.83 -56.52
O1 EDO K . -4.07 0.08 -57.29
C2 EDO K . -2.81 -1.98 -57.40
O2 EDO K . -3.85 -2.33 -58.33
C1 EDO L . -9.84 7.54 -49.96
O1 EDO L . -10.60 8.57 -49.32
C2 EDO L . -8.36 7.83 -49.79
O2 EDO L . -7.58 6.83 -50.46
C1 EDO M . -38.11 -3.86 -51.80
O1 EDO M . -38.51 -3.75 -53.17
C2 EDO M . -39.07 -3.08 -50.92
O2 EDO M . -38.73 -1.70 -51.10
P IMP N . 17.70 -10.36 31.32
O1P IMP N . 17.17 -9.57 30.18
O2P IMP N . 17.45 -11.80 31.08
O3P IMP N . 19.17 -10.10 31.47
O5' IMP N . 16.97 -9.90 32.65
C5' IMP N . 15.55 -9.92 32.76
C4' IMP N . 15.16 -9.64 34.19
O4' IMP N . 15.55 -8.32 34.57
C3' IMP N . 13.67 -9.67 34.43
O3' IMP N . 13.22 -10.97 34.75
C2' IMP N . 13.50 -8.78 35.63
O2' IMP N . 13.65 -9.58 36.79
C1' IMP N . 14.67 -7.83 35.58
N9 IMP N . 14.21 -6.48 35.23
C8 IMP N . 13.25 -6.16 34.36
N7 IMP N . 13.13 -4.82 34.30
C5 IMP N . 14.02 -4.29 35.15
C6 IMP N . 14.36 -3.01 35.52
O6 IMP N . 13.78 -2.03 35.02
N1 IMP N . 15.33 -2.81 36.42
C2 IMP N . 15.97 -3.84 36.96
N3 IMP N . 15.67 -5.09 36.63
C4 IMP N . 14.70 -5.35 35.73
C13 8KY O . 12.30 2.61 39.20
O1 8KY O . 10.72 -0.25 47.25
C2 8KY O . 10.18 0.19 38.89
C1 8KY O . 11.34 0.42 39.62
C12 8KY O . 10.31 2.41 40.68
C5 8KY O . 12.05 -1.83 39.17
C18 8KY O . 11.91 0.44 45.33
C4 8KY O . 10.90 -2.06 38.45
O3 8KY O . 8.27 -1.61 45.14
O4 8KY O . 11.01 0.96 42.85
C17 8KY O . 13.11 0.80 44.73
C3 8KY O . 9.96 -1.05 38.32
C6 8KY O . 12.27 -0.59 39.75
C7 8KY O . 13.07 -2.93 39.33
C8 8KY O . 14.31 -2.62 39.61
C9 8KY O . 12.72 -4.18 39.16
C10 8KY O . 12.16 1.22 42.57
C11 8KY O . 11.60 1.75 40.24
C19 8KY O . 11.89 0.09 46.66
C20 8KY O . 13.05 0.08 47.39
C21 8KY O . 14.25 0.43 46.80
C22 8KY O . 14.27 0.79 45.47
C24 8KY O . 8.79 -0.88 46.01
C28 8KY O . 10.01 -1.37 46.74
N3 8KY O . 12.51 1.60 41.35
N4 8KY O . 13.17 1.16 43.43
O25 8KY O . 8.34 0.23 46.33
CL 8KY O . 12.96 -0.39 49.11
K K P . 22.59 -4.70 34.91
S SO4 Q . -4.14 -2.39 40.19
O1 SO4 Q . -5.20 -2.05 39.24
O2 SO4 Q . -2.91 -1.71 39.80
O3 SO4 Q . -4.54 -1.97 41.54
O4 SO4 Q . -3.92 -3.83 40.22
S SO4 R . 24.45 4.42 14.94
O1 SO4 R . 25.13 4.49 13.66
O2 SO4 R . 23.10 3.92 14.77
O3 SO4 R . 24.38 5.76 15.52
O4 SO4 R . 25.18 3.46 15.79
S SO4 S . 23.49 -2.78 17.58
O1 SO4 S . 23.08 -3.04 16.20
O2 SO4 S . 24.53 -1.74 17.61
O3 SO4 S . 22.32 -2.31 18.32
O4 SO4 S . 24.03 -4.00 18.15
S SO4 T . -5.03 -14.24 19.02
O1 SO4 T . -4.82 -14.82 17.69
O2 SO4 T . -4.82 -12.80 18.96
O3 SO4 T . -6.38 -14.53 19.47
O4 SO4 T . -4.07 -14.86 19.95
S SO4 U . 14.17 -28.15 45.84
O1 SO4 U . 13.32 -28.41 44.68
O2 SO4 U . 14.11 -26.74 46.21
O3 SO4 U . 13.70 -28.94 46.97
O4 SO4 U . 15.55 -28.50 45.51
C1 GOL V . 8.70 -21.56 12.87
O1 GOL V . 8.79 -20.28 12.27
C2 GOL V . 10.07 -22.26 12.82
O2 GOL V . 11.12 -21.32 12.94
C3 GOL V . 10.20 -23.24 13.97
O3 GOL V . 11.57 -23.49 14.18
C1 EDO W . 31.07 -32.65 37.26
O1 EDO W . 31.47 -31.30 37.55
C2 EDO W . 32.00 -33.66 37.92
O2 EDO W . 33.33 -33.51 37.41
C1 EDO X . 29.45 -17.33 29.87
O1 EDO X . 29.12 -17.07 31.24
C2 EDO X . 29.75 -18.82 29.70
O2 EDO X . 28.55 -19.60 29.58
P IMP Y . 11.17 19.65 3.96
O1P IMP Y . 12.33 19.42 3.06
O2P IMP Y . 11.14 18.63 5.04
O3P IMP Y . 11.25 21.02 4.55
O5' IMP Y . 9.83 19.55 3.11
C5' IMP Y . 8.67 18.96 3.68
C4' IMP Y . 7.62 18.90 2.59
O4' IMP Y . 7.62 17.62 1.98
C3' IMP Y . 6.22 19.09 3.12
O3' IMP Y . 5.85 20.47 3.06
C2' IMP Y . 5.37 18.28 2.17
O2' IMP Y . 5.01 19.13 1.09
C1' IMP Y . 6.31 17.24 1.62
N9 IMP Y . 6.07 15.89 2.18
C8 IMP Y . 5.66 15.58 3.41
N7 IMP Y . 5.59 14.25 3.53
C5 IMP Y . 5.96 13.71 2.37
C6 IMP Y . 6.09 12.42 1.89
O6 IMP Y . 5.83 11.45 2.63
N1 IMP Y . 6.49 12.21 0.64
C2 IMP Y . 6.78 13.25 -0.16
N3 IMP Y . 6.67 14.50 0.26
C4 IMP Y . 6.27 14.75 1.52
C13 8KY Z . 2.15 7.01 -0.42
O1 8KY Z . -2.93 10.34 -6.87
C2 8KY Z . 0.64 9.48 1.00
C1 8KY Z . 1.20 9.24 -0.25
C12 8KY Z . -0.29 7.30 -0.52
C5 8KY Z . 2.14 11.48 -0.28
C18 8KY Z . -1.05 9.45 -5.73
C4 8KY Z . 1.59 11.73 0.98
O3 8KY Z . -3.93 10.86 -4.33
O4 8KY Z . -0.71 8.91 -3.04
C17 8KY Z . 0.24 8.96 -5.72
C3 8KY Z . 0.84 10.73 1.60
C6 8KY Z . 1.96 10.23 -0.88
C7 8KY Z . 2.97 12.52 -1.00
C8 8KY Z . 3.86 12.12 -1.90
C9 8KY Z . 2.80 13.80 -0.75
C10 8KY Z . 0.40 8.52 -3.32
C11 8KY Z . 1.04 7.92 -0.94
C19 8KY Z . -1.65 9.85 -6.90
C20 8KY Z . -0.96 9.78 -8.09
C21 8KY Z . 0.33 9.29 -8.12
C22 8KY Z . 0.94 8.88 -6.93
C24 8KY Z . -4.10 9.72 -4.84
C28 8KY Z . -3.97 9.54 -6.33
N3 8KY Z . 1.24 8.05 -2.38
N4 8KY Z . 0.86 8.54 -4.59
O25 8KY Z . -4.40 8.69 -4.17
CL 8KY Z . -1.81 10.33 -9.57
K K AA . 13.73 13.96 -1.59
S SO4 BA . -12.74 12.50 6.72
O1 SO4 BA . -13.92 12.79 5.89
O2 SO4 BA . -11.96 13.73 6.89
O3 SO4 BA . -13.18 12.03 8.04
O4 SO4 BA . -11.91 11.49 6.06
S SO4 CA . 22.66 11.70 13.20
O1 SO4 CA . 21.23 11.54 13.00
O2 SO4 CA . 23.19 12.73 12.30
O3 SO4 CA . 22.91 12.12 14.58
O4 SO4 CA . 23.32 10.42 12.95
C1 GOL DA . 16.11 6.05 16.81
O1 GOL DA . 16.32 7.43 16.82
C2 GOL DA . 17.33 5.35 17.38
O2 GOL DA . 17.16 5.20 18.78
C3 GOL DA . 17.62 4.04 16.64
O3 GOL DA . 16.89 2.90 17.10
CL CL EA . -1.95 23.84 25.68
CL CL FA . 1.62 31.33 25.95
#